data_3H6E
#
_entry.id   3H6E
#
_cell.length_a   52.614
_cell.length_b   81.198
_cell.length_c   229.134
_cell.angle_alpha   90.00
_cell.angle_beta   90.00
_cell.angle_gamma   90.00
#
_symmetry.space_group_name_H-M   'P 21 21 21'
#
loop_
_entity.id
_entity.type
_entity.pdbx_description
1 polymer 'Carbohydrate kinase, FGGY'
2 water water
#
_entity_poly.entity_id   1
_entity_poly.type   'polypeptide(L)'
_entity_poly.pdbx_seq_one_letter_code
;(MSE)SLSTGATIVIDLGKTLSKVSLWDLDGR(MSE)LDRQVRPSIPLEIDGIRRLDAPDTGRWLLDVLSRYADHPVTTI
VPVGHGAGIAALTDGRLAFPPLDYEQSIPEAV(MSE)ADYRSQRDPFARTGSPALPDGLNIGSQLWWLDQLHPDV(MSE)
ANATLLPWAQYWAWFLTGRAVSEVTSLGCHSDLWDPQDGDFSP(MSE)AKRLGWAARFAPIVRAGDTVGALLPAIAERTG
LSPDVQVLAGLHDSNAALLAARGFAEIADNEATVLSTGTWFIA(MSE)RLPATPVDTATLPEARDCLVNVDVHGRPVPSA
RF(MSE)GGREIETLIEIDTRRVDIKPDQPALLAAVPEVLRHGR(MSE)ILPTL(MSE)RGFGPYPHGRFAWINRPEDWF
ERRAAACLYAALVADTALDLIGSTGRILVEGRFAEADVFVRALASLRPDCAVYTANAHNDVSFGALRLIDPGLRPQGELV
RIEPLDTGSWADLDTYRNRWQAEVEAAKVEEGHHHHHH
;
_entity_poly.pdbx_strand_id   A,B
#
# COMPACT_ATOMS: atom_id res chain seq x y z
N THR A 8 -31.75 -43.81 23.03
CA THR A 8 -31.81 -42.39 23.37
C THR A 8 -31.91 -41.50 22.13
N ILE A 9 -32.58 -40.36 22.27
CA ILE A 9 -32.82 -39.46 21.16
C ILE A 9 -32.69 -38.00 21.57
N VAL A 10 -31.87 -37.26 20.83
CA VAL A 10 -31.69 -35.84 21.09
C VAL A 10 -32.34 -35.00 20.00
N ILE A 11 -33.19 -34.06 20.42
CA ILE A 11 -33.79 -33.12 19.48
C ILE A 11 -33.13 -31.75 19.64
N ASP A 12 -32.38 -31.33 18.63
CA ASP A 12 -31.66 -30.06 18.68
C ASP A 12 -32.24 -29.05 17.71
N LEU A 13 -33.23 -28.31 18.20
CA LEU A 13 -33.92 -27.34 17.37
C LEU A 13 -33.26 -25.97 17.47
N GLY A 14 -32.09 -25.85 16.83
CA GLY A 14 -31.33 -24.62 16.85
C GLY A 14 -31.94 -23.54 15.98
N LYS A 15 -31.19 -22.47 15.76
CA LYS A 15 -31.71 -21.32 15.04
C LYS A 15 -31.70 -21.50 13.53
N THR A 16 -30.62 -22.08 13.01
CA THR A 16 -30.50 -22.28 11.57
C THR A 16 -30.69 -23.74 11.16
N LEU A 17 -30.38 -24.66 12.07
CA LEU A 17 -30.53 -26.08 11.79
C LEU A 17 -31.23 -26.83 12.91
N SER A 18 -32.21 -27.64 12.54
CA SER A 18 -32.86 -28.55 13.49
C SER A 18 -32.42 -29.98 13.22
N LYS A 19 -31.88 -30.63 14.25
CA LYS A 19 -31.32 -31.96 14.11
C LYS A 19 -31.94 -32.94 15.10
N VAL A 20 -32.38 -34.08 14.59
CA VAL A 20 -32.81 -35.18 15.44
C VAL A 20 -31.80 -36.31 15.32
N SER A 21 -31.40 -36.87 16.45
CA SER A 21 -30.30 -37.83 16.47
C SER A 21 -30.55 -39.04 17.35
N LEU A 22 -30.13 -40.21 16.88
CA LEU A 22 -30.30 -41.46 17.60
C LEU A 22 -28.95 -42.01 18.05
N TRP A 23 -28.81 -42.24 19.35
CA TRP A 23 -27.53 -42.67 19.91
C TRP A 23 -27.66 -43.99 20.67
N ASP A 24 -26.53 -44.65 20.90
CA ASP A 24 -26.51 -45.87 21.71
C ASP A 24 -25.94 -45.60 23.09
N LEU A 25 -26.12 -46.56 24.00
CA LEU A 25 -25.76 -46.40 25.40
C LEU A 25 -24.26 -46.20 25.60
N ASP A 26 -23.48 -46.31 24.53
CA ASP A 26 -22.05 -46.07 24.59
C ASP A 26 -21.69 -44.69 24.04
N GLY A 27 -22.71 -43.92 23.69
CA GLY A 27 -22.52 -42.56 23.24
C GLY A 27 -21.95 -42.46 21.83
N ARG A 28 -22.44 -43.32 20.94
CA ARG A 28 -22.07 -43.24 19.53
C ARG A 28 -23.34 -43.02 18.71
N MSE A 29 -23.24 -42.15 17.72
CA MSE A 29 -24.40 -41.74 16.94
C MSE A 29 -24.77 -42.78 15.90
O MSE A 29 -23.96 -43.14 15.05
CB MSE A 29 -24.12 -40.41 16.26
CG MSE A 29 -25.34 -39.71 15.71
SE MSE A 29 -24.83 -38.04 14.85
CE MSE A 29 -26.35 -36.96 15.36
N LEU A 30 -26.02 -43.24 15.95
CA LEU A 30 -26.49 -44.27 15.04
C LEU A 30 -27.14 -43.67 13.80
N ASP A 31 -27.71 -42.47 13.95
CA ASP A 31 -28.40 -41.82 12.86
C ASP A 31 -28.64 -40.35 13.16
N ARG A 32 -28.82 -39.55 12.11
CA ARG A 32 -29.07 -38.13 12.26
C ARG A 32 -29.95 -37.63 11.12
N GLN A 33 -30.94 -36.82 11.47
CA GLN A 33 -31.84 -36.23 10.49
C GLN A 33 -31.85 -34.72 10.67
N VAL A 34 -31.55 -34.00 9.60
CA VAL A 34 -31.47 -32.54 9.68
C VAL A 34 -32.47 -31.86 8.75
N ARG A 35 -32.51 -30.54 8.82
CA ARG A 35 -33.52 -29.75 8.12
C ARG A 35 -33.39 -28.28 8.50
N PRO A 36 -33.09 -27.42 7.53
CA PRO A 36 -32.96 -25.99 7.82
C PRO A 36 -34.24 -25.46 8.46
N SER A 37 -34.12 -24.42 9.28
CA SER A 37 -35.27 -23.83 9.95
C SER A 37 -35.74 -22.59 9.20
N ILE A 38 -36.86 -22.71 8.48
CA ILE A 38 -37.39 -21.57 7.72
C ILE A 38 -38.33 -20.73 8.60
N PRO A 39 -38.23 -19.40 8.49
CA PRO A 39 -39.06 -18.49 9.27
C PRO A 39 -40.54 -18.59 8.90
N LEU A 40 -41.40 -18.13 9.80
CA LEU A 40 -42.83 -18.15 9.57
C LEU A 40 -43.38 -16.73 9.61
N GLU A 41 -44.01 -16.30 8.52
CA GLU A 41 -44.61 -14.98 8.47
C GLU A 41 -46.01 -14.99 9.09
N ILE A 42 -46.38 -13.92 9.78
CA ILE A 42 -47.62 -13.92 10.54
C ILE A 42 -48.32 -12.55 10.53
N ASP A 43 -47.53 -11.50 10.37
CA ASP A 43 -48.06 -10.13 10.27
C ASP A 43 -47.02 -9.22 9.64
N GLY A 44 -45.96 -9.84 9.10
CA GLY A 44 -44.74 -9.12 8.81
C GLY A 44 -43.83 -9.44 9.98
N ILE A 45 -44.39 -10.21 10.91
CA ILE A 45 -43.69 -10.64 12.11
C ILE A 45 -43.09 -12.04 11.92
N ARG A 46 -41.77 -12.11 11.93
CA ARG A 46 -41.08 -13.39 11.77
C ARG A 46 -41.19 -14.27 13.01
N ARG A 47 -41.49 -15.55 12.80
CA ARG A 47 -41.75 -16.47 13.89
C ARG A 47 -40.95 -17.75 13.75
N LEU A 48 -40.63 -18.37 14.88
CA LEU A 48 -40.16 -19.75 14.90
C LEU A 48 -41.33 -20.62 14.47
N ASP A 49 -41.09 -21.54 13.53
CA ASP A 49 -42.17 -22.36 13.01
C ASP A 49 -42.42 -23.57 13.89
N ALA A 50 -43.10 -23.34 15.01
CA ALA A 50 -43.38 -24.38 15.99
C ALA A 50 -44.31 -25.48 15.46
N PRO A 51 -45.49 -25.09 14.96
CA PRO A 51 -46.44 -26.12 14.51
C PRO A 51 -45.79 -27.07 13.51
N ASP A 52 -45.10 -26.49 12.53
CA ASP A 52 -44.54 -27.27 11.42
C ASP A 52 -43.35 -28.13 11.85
N THR A 53 -42.50 -27.59 12.72
CA THR A 53 -41.36 -28.34 13.21
C THR A 53 -41.85 -29.53 14.04
N GLY A 54 -42.93 -29.32 14.78
CA GLY A 54 -43.55 -30.38 15.56
C GLY A 54 -43.92 -31.54 14.65
N ARG A 55 -44.38 -31.22 13.45
CA ARG A 55 -44.71 -32.26 12.47
C ARG A 55 -43.47 -32.99 12.00
N TRP A 56 -42.54 -32.27 11.37
CA TRP A 56 -41.31 -32.90 10.87
C TRP A 56 -40.72 -33.88 11.87
N LEU A 57 -40.74 -33.49 13.15
CA LEU A 57 -40.05 -34.28 14.17
C LEU A 57 -40.91 -35.40 14.74
N LEU A 58 -42.19 -35.42 14.41
CA LEU A 58 -43.04 -36.57 14.69
C LEU A 58 -42.87 -37.62 13.60
N ASP A 59 -42.50 -37.16 12.40
CA ASP A 59 -42.15 -38.05 11.30
C ASP A 59 -40.87 -38.79 11.63
N VAL A 60 -39.78 -38.04 11.78
CA VAL A 60 -38.47 -38.61 12.01
C VAL A 60 -38.45 -39.48 13.28
N LEU A 61 -39.23 -39.10 14.28
CA LEU A 61 -39.34 -39.91 15.49
C LEU A 61 -39.95 -41.27 15.19
N SER A 62 -40.88 -41.29 14.24
CA SER A 62 -41.52 -42.54 13.84
C SER A 62 -40.48 -43.52 13.29
N ARG A 63 -39.43 -42.98 12.66
CA ARG A 63 -38.41 -43.80 12.03
C ARG A 63 -37.64 -44.67 13.02
N TYR A 64 -37.56 -44.23 14.27
CA TYR A 64 -36.77 -44.95 15.28
C TYR A 64 -37.66 -45.77 16.21
N ALA A 65 -38.73 -46.35 15.68
CA ALA A 65 -39.67 -47.11 16.49
C ALA A 65 -39.17 -48.53 16.80
N ASP A 66 -38.25 -49.02 15.98
CA ASP A 66 -37.70 -50.37 16.17
C ASP A 66 -36.62 -50.39 17.24
N HIS A 67 -36.23 -49.22 17.72
CA HIS A 67 -35.11 -49.11 18.64
C HIS A 67 -35.55 -49.06 20.12
N PRO A 68 -34.68 -49.57 21.01
CA PRO A 68 -34.88 -49.60 22.46
C PRO A 68 -34.74 -48.23 23.10
N VAL A 69 -35.60 -47.29 22.73
CA VAL A 69 -35.50 -45.91 23.22
C VAL A 69 -36.07 -45.76 24.62
N THR A 70 -35.24 -45.26 25.52
CA THR A 70 -35.62 -45.13 26.92
C THR A 70 -35.54 -43.68 27.42
N THR A 71 -35.02 -42.79 26.59
CA THR A 71 -34.88 -41.38 26.96
C THR A 71 -34.80 -40.46 25.75
N ILE A 72 -35.50 -39.33 25.84
CA ILE A 72 -35.33 -38.23 24.89
C ILE A 72 -34.91 -36.99 25.66
N VAL A 73 -33.93 -36.26 25.12
CA VAL A 73 -33.51 -35.00 25.71
C VAL A 73 -33.51 -33.86 24.70
N PRO A 74 -34.27 -32.79 25.00
CA PRO A 74 -34.50 -31.64 24.12
C PRO A 74 -33.40 -30.60 24.21
N VAL A 75 -33.10 -29.96 23.09
CA VAL A 75 -32.09 -28.90 23.04
C VAL A 75 -32.62 -27.75 22.18
N GLY A 76 -32.53 -26.54 22.70
CA GLY A 76 -33.04 -25.37 22.00
C GLY A 76 -32.10 -24.19 21.98
N HIS A 77 -32.08 -23.48 20.86
CA HIS A 77 -31.34 -22.23 20.79
C HIS A 77 -31.97 -21.24 21.78
N GLY A 78 -31.21 -20.22 22.16
CA GLY A 78 -31.68 -19.24 23.12
C GLY A 78 -32.47 -18.11 22.49
N ALA A 79 -32.87 -17.15 23.33
CA ALA A 79 -33.64 -16.01 22.87
C ALA A 79 -34.95 -16.46 22.23
N GLY A 80 -35.46 -17.59 22.70
CA GLY A 80 -36.74 -18.11 22.26
C GLY A 80 -37.66 -18.37 23.44
N ILE A 81 -38.86 -17.82 23.37
CA ILE A 81 -39.82 -17.96 24.46
C ILE A 81 -41.19 -18.38 23.92
N ALA A 82 -41.86 -19.26 24.64
CA ALA A 82 -43.15 -19.77 24.19
C ALA A 82 -44.23 -19.54 25.24
N ALA A 83 -45.45 -19.29 24.77
CA ALA A 83 -46.57 -19.03 25.66
C ALA A 83 -47.69 -20.03 25.44
N LEU A 84 -48.23 -20.56 26.54
CA LEU A 84 -49.32 -21.51 26.46
C LEU A 84 -50.57 -20.92 27.11
N THR A 85 -51.63 -20.75 26.32
CA THR A 85 -52.91 -20.30 26.84
C THR A 85 -53.88 -21.47 26.92
N ASP A 86 -54.41 -21.69 28.11
CA ASP A 86 -55.30 -22.83 28.37
C ASP A 86 -54.69 -24.16 27.91
N GLY A 87 -53.41 -24.35 28.21
CA GLY A 87 -52.75 -25.62 27.99
C GLY A 87 -52.38 -25.95 26.56
N ARG A 88 -52.41 -24.96 25.68
CA ARG A 88 -51.95 -25.15 24.30
C ARG A 88 -51.09 -23.98 23.84
N LEU A 89 -50.29 -24.20 22.80
CA LEU A 89 -49.46 -23.13 22.27
C LEU A 89 -50.31 -21.94 21.82
N ALA A 90 -50.10 -20.81 22.47
CA ALA A 90 -50.87 -19.61 22.18
C ALA A 90 -50.61 -19.11 20.75
N PHE A 91 -49.38 -19.29 20.28
CA PHE A 91 -48.98 -18.85 18.95
C PHE A 91 -47.51 -19.21 18.73
N PRO A 92 -47.07 -19.23 17.46
CA PRO A 92 -45.63 -19.46 17.23
C PRO A 92 -44.80 -18.36 17.89
N PRO A 93 -43.72 -18.74 18.57
CA PRO A 93 -42.82 -17.78 19.21
C PRO A 93 -42.18 -16.85 18.19
N LEU A 94 -41.80 -15.67 18.64
CA LEU A 94 -41.16 -14.69 17.77
C LEU A 94 -39.76 -15.16 17.38
N ASP A 95 -39.37 -14.86 16.14
CA ASP A 95 -37.99 -15.04 15.71
C ASP A 95 -37.18 -13.94 16.40
N TYR A 96 -36.11 -14.30 17.10
CA TYR A 96 -35.37 -13.29 17.85
C TYR A 96 -34.72 -12.26 16.92
N GLU A 97 -34.64 -12.58 15.63
CA GLU A 97 -34.12 -11.64 14.66
C GLU A 97 -35.19 -10.67 14.17
N GLN A 98 -36.44 -10.93 14.55
CA GLN A 98 -37.53 -10.01 14.22
C GLN A 98 -37.32 -8.66 14.88
N SER A 99 -37.43 -7.61 14.07
CA SER A 99 -37.28 -6.25 14.56
C SER A 99 -38.35 -5.91 15.60
N ILE A 100 -38.00 -5.01 16.51
CA ILE A 100 -38.97 -4.51 17.48
C ILE A 100 -39.08 -3.00 17.30
N PRO A 101 -40.32 -2.49 17.27
CA PRO A 101 -40.56 -1.05 17.07
C PRO A 101 -39.76 -0.16 18.00
N GLU A 102 -39.22 0.91 17.43
CA GLU A 102 -38.37 1.87 18.13
C GLU A 102 -38.94 2.32 19.47
N ALA A 103 -40.14 2.90 19.44
CA ALA A 103 -40.75 3.47 20.64
C ALA A 103 -40.97 2.40 21.70
N VAL A 104 -41.33 1.19 21.27
CA VAL A 104 -41.59 0.10 22.19
C VAL A 104 -40.30 -0.35 22.87
N MSE A 105 -39.21 -0.36 22.12
CA MSE A 105 -37.91 -0.79 22.65
C MSE A 105 -37.30 0.19 23.64
O MSE A 105 -36.81 -0.20 24.70
CB MSE A 105 -36.92 -1.06 21.51
CG MSE A 105 -35.55 -1.52 22.00
SE MSE A 105 -35.57 -3.36 22.72
CE MSE A 105 -35.40 -4.32 21.02
N ALA A 106 -37.33 1.47 23.30
CA ALA A 106 -36.80 2.53 24.16
C ALA A 106 -37.52 2.52 25.51
N ASP A 107 -38.85 2.39 25.46
CA ASP A 107 -39.65 2.27 26.67
C ASP A 107 -39.14 1.11 27.52
N TYR A 108 -38.88 -0.02 26.87
CA TYR A 108 -38.36 -1.18 27.57
C TYR A 108 -36.95 -0.91 28.07
N ARG A 109 -36.10 -0.40 27.19
CA ARG A 109 -34.70 -0.15 27.53
C ARG A 109 -34.50 0.66 28.81
N SER A 110 -35.43 1.59 29.08
CA SER A 110 -35.26 2.53 30.17
C SER A 110 -35.79 1.99 31.50
N GLN A 111 -36.26 0.75 31.50
CA GLN A 111 -36.84 0.15 32.68
C GLN A 111 -36.16 -1.18 33.07
N ARG A 112 -35.10 -1.52 32.34
CA ARG A 112 -34.31 -2.73 32.62
C ARG A 112 -33.51 -2.63 33.92
N ASP A 113 -33.16 -3.78 34.48
CA ASP A 113 -32.31 -3.83 35.67
C ASP A 113 -30.87 -3.50 35.31
N PRO A 114 -30.03 -3.20 36.30
CA PRO A 114 -28.63 -2.87 36.01
C PRO A 114 -27.88 -4.13 35.55
N PHE A 115 -26.89 -3.95 34.68
CA PHE A 115 -26.10 -5.08 34.18
C PHE A 115 -25.43 -5.84 35.32
N ALA A 116 -25.28 -5.18 36.47
CA ALA A 116 -24.59 -5.77 37.60
C ALA A 116 -25.41 -6.86 38.31
N ARG A 117 -26.73 -6.81 38.18
CA ARG A 117 -27.60 -7.85 38.74
C ARG A 117 -27.85 -8.97 37.74
N THR A 118 -27.89 -8.61 36.46
CA THR A 118 -28.39 -9.51 35.43
C THR A 118 -27.32 -10.19 34.56
N GLY A 119 -26.23 -9.48 34.29
CA GLY A 119 -25.23 -9.99 33.38
C GLY A 119 -25.81 -10.08 31.98
N SER A 120 -27.00 -9.52 31.82
CA SER A 120 -27.66 -9.47 30.53
C SER A 120 -27.52 -8.08 29.92
N PRO A 121 -26.76 -7.97 28.82
CA PRO A 121 -26.52 -6.68 28.15
C PRO A 121 -27.69 -6.32 27.24
N ALA A 122 -27.87 -5.04 26.96
CA ALA A 122 -28.89 -4.60 26.02
C ALA A 122 -28.54 -5.12 24.63
N LEU A 123 -29.45 -5.91 24.05
CA LEU A 123 -29.24 -6.46 22.73
C LEU A 123 -30.39 -6.08 21.80
N PRO A 124 -30.11 -5.98 20.50
CA PRO A 124 -31.09 -5.60 19.47
C PRO A 124 -32.18 -6.64 19.25
N ASP A 125 -33.30 -6.17 18.69
CA ASP A 125 -34.40 -7.06 18.30
C ASP A 125 -34.87 -7.94 19.47
N GLY A 126 -34.90 -9.24 19.25
CA GLY A 126 -35.42 -10.17 20.25
C GLY A 126 -34.36 -10.93 21.02
N LEU A 127 -33.11 -10.53 20.89
CA LEU A 127 -32.00 -11.21 21.56
C LEU A 127 -32.17 -11.26 23.08
N ASN A 128 -32.77 -10.21 23.63
CA ASN A 128 -33.24 -10.24 25.01
C ASN A 128 -34.68 -10.73 25.03
N ILE A 129 -34.95 -11.82 25.75
CA ILE A 129 -36.32 -12.33 25.82
C ILE A 129 -37.27 -11.28 26.41
N GLY A 130 -36.79 -10.52 27.38
CA GLY A 130 -37.56 -9.45 27.98
C GLY A 130 -38.15 -8.49 26.96
N SER A 131 -37.35 -8.13 25.96
CA SER A 131 -37.83 -7.25 24.90
C SER A 131 -39.04 -7.84 24.17
N GLN A 132 -39.00 -9.14 23.90
CA GLN A 132 -40.12 -9.83 23.26
C GLN A 132 -41.35 -9.76 24.15
N LEU A 133 -41.18 -10.17 25.40
CA LEU A 133 -42.24 -10.11 26.40
C LEU A 133 -42.84 -8.71 26.49
N TRP A 134 -41.97 -7.71 26.62
CA TRP A 134 -42.41 -6.32 26.70
C TRP A 134 -43.36 -5.99 25.56
N TRP A 135 -42.91 -6.27 24.34
CA TRP A 135 -43.70 -6.01 23.14
C TRP A 135 -44.98 -6.83 23.17
N LEU A 136 -44.84 -8.15 23.33
CA LEU A 136 -45.99 -9.04 23.38
C LEU A 136 -47.07 -8.57 24.35
N ASP A 137 -46.67 -7.93 25.44
CA ASP A 137 -47.63 -7.41 26.41
C ASP A 137 -48.53 -6.36 25.78
N GLN A 138 -48.03 -5.73 24.70
CA GLN A 138 -48.81 -4.74 23.97
C GLN A 138 -49.71 -5.36 22.90
N LEU A 139 -49.15 -6.29 22.13
CA LEU A 139 -49.86 -6.90 21.01
C LEU A 139 -50.92 -7.90 21.47
N HIS A 140 -50.68 -8.55 22.59
CA HIS A 140 -51.59 -9.57 23.09
C HIS A 140 -51.70 -9.50 24.60
N PRO A 141 -52.14 -8.34 25.11
CA PRO A 141 -52.18 -8.04 26.54
C PRO A 141 -52.84 -9.13 27.38
N ASP A 142 -54.02 -9.57 26.96
CA ASP A 142 -54.79 -10.55 27.71
C ASP A 142 -54.16 -11.94 27.62
N VAL A 143 -53.82 -12.34 26.41
CA VAL A 143 -53.22 -13.66 26.19
C VAL A 143 -51.91 -13.84 26.97
N MSE A 144 -51.20 -12.74 27.23
CA MSE A 144 -49.95 -12.81 27.99
C MSE A 144 -50.20 -12.97 29.49
O MSE A 144 -49.40 -13.61 30.18
CB MSE A 144 -49.07 -11.59 27.73
CG MSE A 144 -48.53 -11.49 26.31
SE MSE A 144 -47.96 -13.21 25.60
CE MSE A 144 -46.52 -13.64 26.84
N ALA A 145 -51.29 -12.40 29.98
CA ALA A 145 -51.60 -12.46 31.41
C ALA A 145 -52.15 -13.82 31.83
N ASN A 146 -52.73 -14.54 30.87
CA ASN A 146 -53.27 -15.87 31.11
C ASN A 146 -52.24 -16.93 30.75
N ALA A 147 -51.07 -16.48 30.30
CA ALA A 147 -50.10 -17.37 29.69
C ALA A 147 -49.18 -18.04 30.70
N THR A 148 -48.81 -19.27 30.41
CA THR A 148 -47.68 -19.91 31.05
C THR A 148 -46.47 -19.68 30.15
N LEU A 149 -45.39 -19.20 30.73
CA LEU A 149 -44.19 -18.93 29.95
C LEU A 149 -43.18 -20.07 30.12
N LEU A 150 -42.37 -20.28 29.08
CA LEU A 150 -41.61 -21.50 28.98
C LEU A 150 -40.58 -21.39 27.86
N PRO A 151 -39.29 -21.57 28.19
CA PRO A 151 -38.22 -21.42 27.21
C PRO A 151 -38.41 -22.33 25.99
N TRP A 152 -37.77 -21.98 24.88
CA TRP A 152 -37.89 -22.70 23.62
C TRP A 152 -37.52 -24.17 23.75
N ALA A 153 -36.39 -24.46 24.37
CA ALA A 153 -35.95 -25.85 24.55
C ALA A 153 -36.97 -26.67 25.33
N GLN A 154 -37.47 -26.10 26.42
CA GLN A 154 -38.44 -26.79 27.27
C GLN A 154 -39.78 -26.92 26.58
N TYR A 155 -40.03 -26.07 25.59
CA TYR A 155 -41.31 -26.11 24.90
C TYR A 155 -41.49 -27.46 24.26
N TRP A 156 -40.40 -28.00 23.75
CA TRP A 156 -40.44 -29.26 23.04
C TRP A 156 -40.59 -30.43 23.99
N ALA A 157 -40.09 -30.26 25.22
CA ALA A 157 -40.26 -31.28 26.25
C ALA A 157 -41.69 -31.30 26.78
N TRP A 158 -42.47 -30.26 26.48
CA TRP A 158 -43.88 -30.21 26.86
C TRP A 158 -44.73 -30.70 25.70
N PHE A 159 -44.18 -30.56 24.49
CA PHE A 159 -44.80 -31.03 23.27
C PHE A 159 -44.95 -32.55 23.33
N LEU A 160 -44.00 -33.21 23.97
CA LEU A 160 -43.95 -34.66 24.05
C LEU A 160 -44.47 -35.20 25.38
N THR A 161 -44.81 -34.30 26.30
CA THR A 161 -45.00 -34.72 27.69
C THR A 161 -46.23 -34.11 28.37
N GLY A 162 -46.71 -32.98 27.86
CA GLY A 162 -47.85 -32.31 28.46
C GLY A 162 -47.50 -31.50 29.69
N ARG A 163 -46.32 -31.72 30.25
CA ARG A 163 -45.88 -30.96 31.41
C ARG A 163 -45.01 -29.79 31.03
N ALA A 164 -45.42 -28.60 31.45
CA ALA A 164 -44.64 -27.40 31.25
C ALA A 164 -43.60 -27.23 32.35
N VAL A 165 -42.38 -26.88 31.95
CA VAL A 165 -41.29 -26.68 32.88
C VAL A 165 -40.33 -25.62 32.31
N SER A 166 -39.53 -25.01 33.18
CA SER A 166 -38.47 -24.13 32.72
C SER A 166 -37.10 -24.69 33.10
N GLU A 167 -36.07 -24.24 32.40
CA GLU A 167 -34.70 -24.66 32.71
C GLU A 167 -33.78 -23.42 32.77
N VAL A 168 -32.80 -23.47 33.67
CA VAL A 168 -32.04 -22.27 34.01
C VAL A 168 -31.13 -21.71 32.91
N THR A 169 -30.53 -22.57 32.09
CA THR A 169 -29.54 -22.13 31.10
C THR A 169 -30.11 -21.25 29.99
N SER A 170 -31.37 -21.50 29.62
CA SER A 170 -32.03 -20.65 28.63
C SER A 170 -32.33 -19.29 29.25
N LEU A 171 -32.68 -19.29 30.53
CA LEU A 171 -32.98 -18.04 31.24
C LEU A 171 -31.72 -17.21 31.43
N GLY A 172 -30.58 -17.88 31.54
CA GLY A 172 -29.33 -17.18 31.75
C GLY A 172 -28.67 -16.69 30.47
N CYS A 173 -29.36 -16.89 29.35
CA CYS A 173 -28.83 -16.50 28.04
C CYS A 173 -29.24 -15.07 27.69
N HIS A 174 -28.63 -14.10 28.37
CA HIS A 174 -28.94 -12.68 28.22
C HIS A 174 -30.42 -12.38 27.97
N SER A 175 -31.26 -12.75 28.93
CA SER A 175 -32.70 -12.61 28.76
C SER A 175 -33.31 -11.45 29.54
N ASP A 176 -32.52 -10.87 30.45
CA ASP A 176 -33.02 -9.83 31.35
C ASP A 176 -33.94 -10.39 32.44
N LEU A 177 -34.23 -11.69 32.36
CA LEU A 177 -35.14 -12.33 33.31
C LEU A 177 -34.41 -13.01 34.46
N TRP A 178 -33.08 -12.99 34.45
CA TRP A 178 -32.32 -13.77 35.41
C TRP A 178 -31.29 -13.01 36.22
N ASP A 179 -31.17 -13.40 37.49
CA ASP A 179 -30.14 -12.88 38.39
C ASP A 179 -29.14 -14.00 38.62
N PRO A 180 -28.05 -13.99 37.84
CA PRO A 180 -27.06 -15.08 37.87
C PRO A 180 -26.49 -15.33 39.25
N GLN A 181 -25.90 -14.30 39.86
CA GLN A 181 -25.33 -14.43 41.20
C GLN A 181 -26.37 -14.94 42.20
N ASP A 182 -27.55 -14.35 42.18
CA ASP A 182 -28.62 -14.70 43.12
C ASP A 182 -29.27 -16.05 42.80
N GLY A 183 -29.20 -16.46 41.54
CA GLY A 183 -29.77 -17.74 41.13
C GLY A 183 -31.28 -17.69 41.20
N ASP A 184 -31.83 -16.56 40.78
CA ASP A 184 -33.27 -16.33 40.86
C ASP A 184 -33.67 -15.37 39.74
N PHE A 185 -34.96 -15.20 39.51
CA PHE A 185 -35.42 -14.22 38.53
C PHE A 185 -34.94 -12.83 38.91
N SER A 186 -34.80 -11.96 37.92
CA SER A 186 -34.36 -10.60 38.16
C SER A 186 -35.45 -9.76 38.84
N PRO A 187 -35.04 -8.71 39.55
CA PRO A 187 -36.00 -7.77 40.14
C PRO A 187 -37.06 -7.37 39.12
N MSE A 188 -36.63 -7.06 37.90
CA MSE A 188 -37.53 -6.61 36.85
C MSE A 188 -38.61 -7.65 36.50
O MSE A 188 -39.79 -7.33 36.48
CB MSE A 188 -36.75 -6.24 35.58
CG MSE A 188 -37.66 -5.79 34.45
SE MSE A 188 -36.82 -5.77 32.69
CE MSE A 188 -36.43 -7.67 32.51
N ALA A 189 -38.17 -8.87 36.22
CA ALA A 189 -39.09 -9.93 35.81
C ALA A 189 -40.12 -10.22 36.90
N LYS A 190 -39.71 -10.07 38.15
CA LYS A 190 -40.62 -10.25 39.28
C LYS A 190 -41.60 -9.09 39.34
N ARG A 191 -41.04 -7.88 39.32
CA ARG A 191 -41.80 -6.64 39.37
C ARG A 191 -42.97 -6.60 38.38
N LEU A 192 -42.68 -6.96 37.13
CA LEU A 192 -43.66 -6.90 36.05
C LEU A 192 -44.65 -8.06 36.09
N GLY A 193 -44.43 -9.01 36.99
CA GLY A 193 -45.28 -10.18 37.07
C GLY A 193 -44.93 -11.24 36.05
N TRP A 194 -43.80 -11.05 35.36
CA TRP A 194 -43.36 -12.02 34.37
C TRP A 194 -42.88 -13.32 35.03
N ALA A 195 -42.15 -13.19 36.13
CA ALA A 195 -41.60 -14.35 36.83
C ALA A 195 -42.70 -15.31 37.28
N ALA A 196 -43.87 -14.76 37.60
CA ALA A 196 -44.98 -15.56 38.08
C ALA A 196 -45.63 -16.37 36.96
N ARG A 197 -45.40 -15.97 35.72
CA ARG A 197 -45.98 -16.65 34.57
C ARG A 197 -45.19 -17.89 34.13
N PHE A 198 -43.94 -17.97 34.56
CA PHE A 198 -43.05 -19.07 34.12
C PHE A 198 -43.35 -20.43 34.74
N ALA A 199 -43.26 -21.47 33.90
CA ALA A 199 -43.36 -22.84 34.37
C ALA A 199 -42.29 -23.12 35.42
N PRO A 200 -42.62 -23.96 36.41
CA PRO A 200 -41.69 -24.24 37.52
C PRO A 200 -40.30 -24.63 37.00
N ILE A 201 -39.27 -24.04 37.57
CA ILE A 201 -37.90 -24.32 37.16
C ILE A 201 -37.46 -25.72 37.58
N VAL A 202 -36.86 -26.43 36.63
CA VAL A 202 -36.37 -27.79 36.84
C VAL A 202 -34.94 -27.87 36.33
N ARG A 203 -34.20 -28.89 36.76
CA ARG A 203 -32.83 -29.09 36.30
C ARG A 203 -32.80 -29.83 34.97
N ALA A 204 -31.94 -29.38 34.07
CA ALA A 204 -31.87 -29.89 32.69
C ALA A 204 -31.90 -31.41 32.58
N GLY A 205 -31.31 -32.09 33.56
CA GLY A 205 -31.24 -33.54 33.55
C GLY A 205 -32.42 -34.23 34.20
N ASP A 206 -33.26 -33.45 34.87
CA ASP A 206 -34.47 -34.01 35.51
C ASP A 206 -35.38 -34.58 34.45
N THR A 207 -36.24 -35.51 34.87
CA THR A 207 -37.23 -36.09 33.98
C THR A 207 -38.49 -35.23 34.01
N VAL A 208 -38.88 -34.71 32.86
CA VAL A 208 -40.11 -33.94 32.76
C VAL A 208 -41.30 -34.88 32.90
N GLY A 209 -41.18 -36.07 32.31
CA GLY A 209 -42.21 -37.07 32.44
C GLY A 209 -42.16 -38.09 31.32
N ALA A 210 -43.11 -39.01 31.32
CA ALA A 210 -43.20 -40.03 30.29
C ALA A 210 -43.80 -39.44 29.02
N LEU A 211 -43.50 -40.08 27.88
CA LEU A 211 -44.02 -39.64 26.59
C LEU A 211 -45.55 -39.69 26.61
N LEU A 212 -46.18 -38.63 26.10
CA LEU A 212 -47.64 -38.60 25.98
C LEU A 212 -48.14 -39.81 25.21
N PRO A 213 -49.20 -40.47 25.74
CA PRO A 213 -49.77 -41.66 25.08
C PRO A 213 -50.09 -41.38 23.62
N ALA A 214 -50.85 -40.31 23.37
CA ALA A 214 -51.22 -39.94 21.99
C ALA A 214 -49.99 -39.75 21.12
N ILE A 215 -48.86 -39.44 21.75
CA ILE A 215 -47.60 -39.26 21.02
C ILE A 215 -46.82 -40.57 20.89
N ALA A 216 -46.70 -41.30 21.99
CA ALA A 216 -46.05 -42.61 21.96
C ALA A 216 -46.64 -43.45 20.84
N GLU A 217 -47.89 -43.15 20.51
CA GLU A 217 -48.63 -43.89 19.51
C GLU A 217 -48.08 -43.69 18.10
N ARG A 218 -48.32 -42.50 17.55
CA ARG A 218 -47.99 -42.22 16.17
C ARG A 218 -46.49 -42.18 15.87
N THR A 219 -45.67 -42.35 16.91
CA THR A 219 -44.22 -42.48 16.71
C THR A 219 -43.83 -43.93 16.90
N GLY A 220 -44.70 -44.70 17.52
CA GLY A 220 -44.44 -46.10 17.77
C GLY A 220 -43.37 -46.29 18.83
N LEU A 221 -43.11 -45.23 19.59
CA LEU A 221 -42.18 -45.31 20.71
C LEU A 221 -42.93 -45.76 21.97
N SER A 222 -42.21 -46.40 22.88
CA SER A 222 -42.82 -46.91 24.10
C SER A 222 -43.35 -45.77 24.96
N PRO A 223 -44.50 -45.98 25.61
CA PRO A 223 -45.08 -44.99 26.52
C PRO A 223 -44.16 -44.76 27.71
N ASP A 224 -43.18 -45.65 27.88
CA ASP A 224 -42.24 -45.58 29.00
C ASP A 224 -41.09 -44.61 28.72
N VAL A 225 -40.96 -44.16 27.48
CA VAL A 225 -39.92 -43.21 27.12
C VAL A 225 -39.98 -42.01 28.05
N GLN A 226 -38.81 -41.60 28.55
CA GLN A 226 -38.73 -40.47 29.47
C GLN A 226 -38.16 -39.23 28.78
N VAL A 227 -38.83 -38.10 28.95
CA VAL A 227 -38.33 -36.84 28.40
C VAL A 227 -37.62 -36.04 29.49
N LEU A 228 -36.46 -35.48 29.16
CA LEU A 228 -35.71 -34.65 30.09
C LEU A 228 -36.04 -33.18 29.88
N ALA A 229 -35.74 -32.36 30.87
CA ALA A 229 -35.98 -30.92 30.76
C ALA A 229 -35.28 -30.37 29.53
N GLY A 230 -34.01 -30.72 29.37
CA GLY A 230 -33.23 -30.24 28.24
C GLY A 230 -32.51 -28.95 28.58
N LEU A 231 -31.90 -28.34 27.58
CA LEU A 231 -31.07 -27.15 27.81
C LEU A 231 -30.88 -26.28 26.58
N HIS A 232 -30.14 -25.21 26.78
CA HIS A 232 -29.84 -24.26 25.71
C HIS A 232 -28.76 -24.81 24.77
N ASP A 233 -28.92 -24.55 23.48
CA ASP A 233 -27.90 -24.90 22.48
C ASP A 233 -26.50 -24.83 23.06
N SER A 234 -26.09 -23.63 23.45
CA SER A 234 -24.69 -23.38 23.82
C SER A 234 -24.18 -24.22 24.97
N ASN A 235 -25.05 -24.53 25.94
CA ASN A 235 -24.62 -25.33 27.08
C ASN A 235 -24.40 -26.81 26.73
N ALA A 236 -24.98 -27.23 25.62
CA ALA A 236 -24.74 -28.58 25.11
C ALA A 236 -23.24 -28.79 24.93
N ALA A 237 -22.60 -27.83 24.27
CA ALA A 237 -21.16 -27.92 24.01
C ALA A 237 -20.35 -27.91 25.31
N LEU A 238 -20.86 -27.25 26.33
CA LEU A 238 -20.16 -27.18 27.61
C LEU A 238 -20.19 -28.54 28.30
N LEU A 239 -21.37 -29.15 28.34
CA LEU A 239 -21.50 -30.53 28.79
C LEU A 239 -20.48 -31.41 28.10
N ALA A 240 -20.46 -31.34 26.77
CA ALA A 240 -19.51 -32.11 25.97
C ALA A 240 -18.07 -31.86 26.45
N ALA A 241 -17.64 -30.61 26.39
CA ALA A 241 -16.29 -30.24 26.81
C ALA A 241 -15.95 -30.82 28.18
N ARG A 242 -16.92 -30.79 29.09
CA ARG A 242 -16.69 -31.31 30.45
C ARG A 242 -16.59 -32.84 30.46
N GLY A 243 -16.88 -33.46 29.31
CA GLY A 243 -16.72 -34.89 29.17
C GLY A 243 -15.26 -35.29 29.03
N PHE A 244 -14.47 -34.40 28.43
CA PHE A 244 -13.03 -34.64 28.30
C PHE A 244 -12.38 -34.78 29.68
N ALA A 245 -11.41 -35.68 29.78
CA ALA A 245 -10.78 -35.98 31.05
C ALA A 245 -10.03 -34.79 31.65
N GLU A 246 -9.54 -33.90 30.78
CA GLU A 246 -8.80 -32.73 31.25
C GLU A 246 -9.70 -31.60 31.72
N ILE A 247 -10.94 -31.60 31.23
CA ILE A 247 -11.87 -30.53 31.57
C ILE A 247 -12.70 -30.93 32.78
N ALA A 248 -13.64 -31.83 32.56
CA ALA A 248 -14.45 -32.39 33.64
C ALA A 248 -14.93 -31.31 34.61
N ASP A 249 -14.39 -31.37 35.82
CA ASP A 249 -14.86 -30.51 36.89
C ASP A 249 -13.87 -29.40 37.20
N ASN A 250 -12.74 -29.39 36.50
CA ASN A 250 -11.66 -28.44 36.76
C ASN A 250 -11.99 -27.03 36.32
N GLU A 251 -11.20 -26.07 36.82
CA GLU A 251 -11.30 -24.70 36.36
C GLU A 251 -10.91 -24.70 34.89
N ALA A 252 -11.86 -24.32 34.04
CA ALA A 252 -11.62 -24.39 32.59
C ALA A 252 -12.47 -23.38 31.85
N THR A 253 -12.02 -23.02 30.65
CA THR A 253 -12.75 -22.11 29.79
C THR A 253 -12.86 -22.69 28.39
N VAL A 254 -14.07 -22.71 27.84
CA VAL A 254 -14.25 -23.10 26.46
C VAL A 254 -14.34 -21.86 25.57
N LEU A 255 -13.50 -21.80 24.55
CA LEU A 255 -13.50 -20.67 23.65
C LEU A 255 -14.01 -21.11 22.29
N SER A 256 -15.25 -20.77 21.97
CA SER A 256 -15.82 -21.12 20.68
C SER A 256 -15.50 -20.04 19.64
N THR A 257 -15.29 -20.45 18.41
CA THR A 257 -14.91 -19.54 17.35
C THR A 257 -15.83 -19.68 16.14
N GLY A 258 -15.71 -18.74 15.22
CA GLY A 258 -16.63 -18.60 14.10
C GLY A 258 -16.81 -17.12 13.84
N THR A 259 -17.98 -16.72 13.35
CA THR A 259 -18.26 -15.30 13.21
C THR A 259 -18.01 -14.61 14.56
N TRP A 260 -18.52 -15.21 15.62
CA TRP A 260 -18.25 -14.75 16.98
C TRP A 260 -17.24 -15.65 17.68
N PHE A 261 -16.24 -15.04 18.28
CA PHE A 261 -15.35 -15.74 19.22
C PHE A 261 -15.92 -15.51 20.61
N ILE A 262 -16.29 -16.59 21.29
CA ILE A 262 -16.91 -16.49 22.60
C ILE A 262 -16.18 -17.30 23.67
N ALA A 263 -15.74 -16.62 24.71
CA ALA A 263 -15.10 -17.27 25.83
C ALA A 263 -16.12 -17.51 26.94
N MSE A 264 -16.35 -18.79 27.25
CA MSE A 264 -17.25 -19.15 28.34
C MSE A 264 -16.47 -19.90 29.41
O MSE A 264 -16.01 -21.02 29.21
CB MSE A 264 -18.38 -20.01 27.82
CG MSE A 264 -19.18 -19.35 26.69
SE MSE A 264 -20.53 -20.53 25.94
CE MSE A 264 -21.73 -20.63 27.47
N ARG A 265 -16.32 -19.26 30.58
CA ARG A 265 -15.52 -19.84 31.65
C ARG A 265 -16.36 -20.64 32.63
N LEU A 266 -15.80 -21.76 33.08
CA LEU A 266 -16.42 -22.58 34.11
C LEU A 266 -15.60 -22.46 35.38
N PRO A 267 -15.89 -21.44 36.19
CA PRO A 267 -15.07 -21.14 37.37
C PRO A 267 -15.08 -22.27 38.41
N ALA A 268 -13.94 -22.52 39.03
CA ALA A 268 -13.84 -23.50 40.09
C ALA A 268 -14.02 -22.80 41.43
N THR A 269 -13.92 -21.48 41.40
CA THR A 269 -14.17 -20.65 42.57
C THR A 269 -15.32 -19.69 42.29
N PRO A 270 -15.91 -19.14 43.36
CA PRO A 270 -16.94 -18.11 43.17
C PRO A 270 -16.32 -16.86 42.58
N VAL A 271 -16.96 -16.27 41.57
CA VAL A 271 -16.44 -15.06 40.96
C VAL A 271 -17.40 -13.88 41.12
N ASP A 272 -16.88 -12.67 41.04
CA ASP A 272 -17.66 -11.46 41.22
C ASP A 272 -18.11 -10.91 39.88
N THR A 273 -19.18 -11.48 39.33
CA THR A 273 -19.64 -11.10 37.99
C THR A 273 -20.26 -9.70 37.93
N ALA A 274 -20.80 -9.23 39.06
CA ALA A 274 -21.38 -7.90 39.13
C ALA A 274 -20.36 -6.82 38.76
N THR A 275 -19.09 -7.19 38.73
CA THR A 275 -18.01 -6.25 38.47
C THR A 275 -17.58 -6.24 37.00
N LEU A 276 -18.14 -7.15 36.19
CA LEU A 276 -17.77 -7.27 34.79
C LEU A 276 -18.15 -6.05 33.95
N PRO A 277 -17.31 -5.72 32.97
CA PRO A 277 -17.42 -4.54 32.09
C PRO A 277 -18.38 -4.74 30.93
N GLU A 278 -19.62 -4.30 31.06
CA GLU A 278 -20.61 -4.46 30.00
C GLU A 278 -20.15 -3.84 28.68
N ALA A 279 -19.46 -2.71 28.75
CA ALA A 279 -19.07 -1.98 27.55
C ALA A 279 -17.98 -2.70 26.75
N ARG A 280 -17.32 -3.67 27.37
CA ARG A 280 -16.26 -4.39 26.68
C ARG A 280 -16.71 -5.77 26.22
N ASP A 281 -18.03 -5.92 26.06
CA ASP A 281 -18.64 -7.09 25.44
C ASP A 281 -18.51 -8.36 26.30
N CYS A 282 -18.77 -8.22 27.60
CA CYS A 282 -18.84 -9.37 28.50
C CYS A 282 -20.29 -9.63 28.87
N LEU A 283 -20.58 -10.83 29.35
CA LEU A 283 -21.92 -11.17 29.81
C LEU A 283 -21.87 -12.36 30.76
N VAL A 284 -22.99 -12.67 31.39
CA VAL A 284 -23.04 -13.78 32.34
C VAL A 284 -24.08 -14.81 31.97
N ASN A 285 -23.61 -16.00 31.58
CA ASN A 285 -24.48 -17.14 31.35
C ASN A 285 -24.55 -17.99 32.60
N VAL A 286 -25.28 -19.09 32.52
CA VAL A 286 -25.50 -19.97 33.66
C VAL A 286 -25.35 -21.41 33.19
N ASP A 287 -24.72 -22.24 34.00
CA ASP A 287 -24.58 -23.66 33.64
C ASP A 287 -25.80 -24.46 34.08
N VAL A 288 -25.84 -25.73 33.68
CA VAL A 288 -26.99 -26.58 33.99
C VAL A 288 -27.22 -26.70 35.49
N HIS A 289 -26.21 -26.31 36.27
CA HIS A 289 -26.31 -26.34 37.73
C HIS A 289 -26.73 -24.99 38.30
N GLY A 290 -26.90 -23.99 37.44
CA GLY A 290 -27.30 -22.67 37.88
C GLY A 290 -26.13 -21.80 38.29
N ARG A 291 -24.92 -22.33 38.18
CA ARG A 291 -23.71 -21.59 38.50
C ARG A 291 -23.33 -20.61 37.38
N PRO A 292 -22.98 -19.38 37.76
CA PRO A 292 -22.63 -18.36 36.76
C PRO A 292 -21.50 -18.78 35.82
N VAL A 293 -21.69 -18.45 34.54
CA VAL A 293 -20.71 -18.76 33.51
C VAL A 293 -20.23 -17.45 32.90
N PRO A 294 -19.17 -16.86 33.48
CA PRO A 294 -18.64 -15.59 32.97
C PRO A 294 -18.25 -15.71 31.51
N SER A 295 -18.64 -14.72 30.71
CA SER A 295 -18.43 -14.78 29.27
C SER A 295 -17.91 -13.47 28.70
N ALA A 296 -17.10 -13.57 27.64
CA ALA A 296 -16.63 -12.40 26.91
C ALA A 296 -16.53 -12.76 25.44
N ARG A 297 -17.10 -11.93 24.58
CA ARG A 297 -17.00 -12.18 23.15
C ARG A 297 -16.44 -11.00 22.34
N PHE A 298 -16.11 -11.31 21.10
CA PHE A 298 -15.78 -10.31 20.09
C PHE A 298 -15.94 -11.00 18.75
N MSE A 299 -16.26 -10.24 17.71
CA MSE A 299 -16.58 -10.84 16.43
C MSE A 299 -15.34 -11.22 15.63
O MSE A 299 -15.13 -10.74 14.52
CB MSE A 299 -17.48 -9.91 15.62
CG MSE A 299 -18.95 -10.04 15.99
SE MSE A 299 -20.11 -9.29 14.65
CE MSE A 299 -19.94 -7.43 15.15
N GLY A 300 -14.55 -12.11 16.21
CA GLY A 300 -13.30 -12.54 15.61
C GLY A 300 -13.40 -12.91 14.16
N GLY A 301 -14.24 -13.88 13.84
CA GLY A 301 -14.37 -14.39 12.48
C GLY A 301 -14.73 -13.32 11.47
N ARG A 302 -15.48 -12.33 11.90
CA ARG A 302 -15.92 -11.25 11.02
C ARG A 302 -14.75 -10.34 10.65
N GLU A 303 -13.87 -10.09 11.61
CA GLU A 303 -12.73 -9.20 11.38
C GLU A 303 -11.71 -9.89 10.48
N ILE A 304 -11.41 -11.15 10.78
CA ILE A 304 -10.53 -11.93 9.95
C ILE A 304 -10.99 -11.92 8.49
N GLU A 305 -12.29 -12.12 8.29
CA GLU A 305 -12.87 -12.17 6.96
C GLU A 305 -12.74 -10.83 6.23
N THR A 306 -12.83 -9.74 6.99
CA THR A 306 -12.59 -8.43 6.41
C THR A 306 -11.19 -8.40 5.83
N LEU A 307 -10.23 -8.96 6.57
CA LEU A 307 -8.83 -8.99 6.16
C LEU A 307 -8.55 -9.88 4.95
N ILE A 308 -9.07 -11.11 4.97
CA ILE A 308 -8.77 -12.07 3.92
C ILE A 308 -9.78 -12.05 2.76
N GLU A 309 -10.84 -11.27 2.92
CA GLU A 309 -11.77 -10.96 1.85
C GLU A 309 -12.69 -12.12 1.42
N ILE A 310 -12.11 -13.27 1.08
CA ILE A 310 -12.88 -14.36 0.49
C ILE A 310 -12.62 -15.73 1.12
N ASP A 311 -13.60 -16.62 1.03
CA ASP A 311 -13.51 -17.97 1.58
C ASP A 311 -12.23 -18.66 1.17
N THR A 312 -11.71 -18.27 0.00
CA THR A 312 -10.54 -18.90 -0.59
C THR A 312 -9.26 -18.65 0.20
N ARG A 313 -9.28 -17.65 1.07
CA ARG A 313 -8.10 -17.30 1.85
C ARG A 313 -8.36 -17.40 3.35
N ARG A 314 -9.38 -18.18 3.72
CA ARG A 314 -9.65 -18.48 5.12
C ARG A 314 -8.40 -19.07 5.78
N VAL A 315 -8.06 -18.57 6.96
CA VAL A 315 -6.84 -18.97 7.63
C VAL A 315 -6.88 -20.37 8.25
N ASP A 316 -8.00 -21.06 8.10
CA ASP A 316 -8.13 -22.40 8.68
C ASP A 316 -7.99 -23.54 7.66
N ILE A 317 -7.82 -23.18 6.39
CA ILE A 317 -7.62 -24.16 5.32
C ILE A 317 -6.38 -25.03 5.61
N LYS A 318 -6.62 -26.32 5.77
CA LYS A 318 -5.59 -27.24 6.26
C LYS A 318 -4.25 -27.25 5.52
N PRO A 319 -4.26 -27.64 4.23
CA PRO A 319 -2.98 -27.68 3.49
C PRO A 319 -2.20 -26.37 3.57
N ASP A 320 -2.87 -25.29 3.95
CA ASP A 320 -2.22 -23.98 4.02
C ASP A 320 -1.49 -23.74 5.35
N GLN A 321 -1.82 -24.55 6.36
CA GLN A 321 -1.29 -24.31 7.71
C GLN A 321 0.24 -24.14 7.79
N PRO A 322 1.00 -25.07 7.20
CA PRO A 322 2.47 -24.97 7.30
C PRO A 322 3.00 -23.66 6.73
N ALA A 323 2.45 -23.22 5.60
CA ALA A 323 2.88 -21.98 4.97
C ALA A 323 2.44 -20.77 5.78
N LEU A 324 1.22 -20.83 6.31
CA LEU A 324 0.74 -19.85 7.26
C LEU A 324 1.72 -19.81 8.43
N LEU A 325 2.04 -21.00 8.93
CA LEU A 325 2.89 -21.15 10.09
C LEU A 325 4.30 -20.63 9.80
N ALA A 326 4.88 -21.07 8.70
CA ALA A 326 6.23 -20.70 8.34
C ALA A 326 6.37 -19.20 8.08
N ALA A 327 5.24 -18.54 7.83
CA ALA A 327 5.24 -17.11 7.51
C ALA A 327 5.19 -16.24 8.77
N VAL A 328 4.97 -16.88 9.91
CA VAL A 328 4.91 -16.15 11.18
C VAL A 328 6.24 -15.52 11.57
N PRO A 329 7.34 -16.29 11.46
CA PRO A 329 8.66 -15.76 11.83
C PRO A 329 8.94 -14.34 11.32
N GLU A 330 8.76 -14.12 10.02
CA GLU A 330 9.02 -12.81 9.42
C GLU A 330 8.01 -11.73 9.81
N VAL A 331 6.74 -12.12 9.97
CA VAL A 331 5.72 -11.20 10.47
C VAL A 331 6.16 -10.66 11.82
N LEU A 332 6.50 -11.60 12.69
CA LEU A 332 6.95 -11.34 14.04
C LEU A 332 8.05 -10.29 14.07
N ARG A 333 9.17 -10.59 13.42
CA ARG A 333 10.39 -9.78 13.56
C ARG A 333 10.39 -8.46 12.81
N HIS A 334 9.41 -8.25 11.93
CA HIS A 334 9.28 -6.97 11.24
C HIS A 334 8.21 -6.11 11.89
N GLY A 335 7.60 -6.62 12.96
CA GLY A 335 6.57 -5.89 13.66
C GLY A 335 5.34 -5.64 12.81
N ARG A 336 5.10 -6.53 11.85
CA ARG A 336 3.91 -6.42 11.00
C ARG A 336 2.67 -6.83 11.80
N MSE A 337 1.78 -5.89 12.05
CA MSE A 337 0.63 -6.19 12.89
C MSE A 337 -0.64 -5.36 12.61
O MSE A 337 -0.62 -4.41 11.83
CB MSE A 337 1.02 -6.06 14.36
CG MSE A 337 1.30 -4.65 14.79
SE MSE A 337 2.11 -4.60 16.55
CE MSE A 337 1.56 -2.80 17.06
N ILE A 338 -1.72 -5.74 13.29
CA ILE A 338 -3.05 -5.16 13.09
C ILE A 338 -3.59 -4.61 14.41
N LEU A 339 -4.10 -3.38 14.39
CA LEU A 339 -4.69 -2.78 15.57
C LEU A 339 -6.23 -2.85 15.53
N PRO A 340 -6.85 -3.17 16.67
CA PRO A 340 -8.31 -3.23 16.84
C PRO A 340 -8.94 -1.86 16.69
N THR A 341 -10.19 -1.77 16.24
CA THR A 341 -10.99 -2.95 15.92
C THR A 341 -11.57 -2.84 14.51
N LEU A 342 -11.96 -3.97 13.94
CA LEU A 342 -12.57 -3.99 12.62
C LEU A 342 -14.10 -4.10 12.69
N MSE A 343 -14.63 -4.18 13.91
CA MSE A 343 -16.08 -4.19 14.15
C MSE A 343 -16.49 -3.18 15.21
O MSE A 343 -16.80 -3.57 16.33
CB MSE A 343 -16.55 -5.57 14.55
CG MSE A 343 -16.98 -6.47 13.41
SE MSE A 343 -18.14 -5.61 12.10
CE MSE A 343 -19.63 -5.05 13.23
N ARG A 344 -16.49 -1.90 14.85
CA ARG A 344 -16.88 -0.82 15.76
C ARG A 344 -18.07 -1.23 16.63
N GLY A 345 -17.93 -1.06 17.94
CA GLY A 345 -19.01 -1.34 18.87
C GLY A 345 -19.05 -2.75 19.42
N PHE A 346 -18.09 -3.58 19.05
CA PHE A 346 -18.10 -4.98 19.47
C PHE A 346 -16.75 -5.41 20.02
N GLY A 347 -16.79 -6.31 21.01
CA GLY A 347 -15.58 -6.85 21.58
C GLY A 347 -15.01 -6.01 22.71
N PRO A 348 -13.78 -6.34 23.14
CA PRO A 348 -13.08 -5.66 24.22
C PRO A 348 -12.63 -4.26 23.83
N TYR A 349 -12.45 -4.01 22.53
CA TYR A 349 -11.98 -2.71 22.06
C TYR A 349 -12.97 -2.05 21.12
N PRO A 350 -14.19 -1.77 21.61
CA PRO A 350 -15.29 -1.33 20.75
C PRO A 350 -14.91 -0.18 19.83
N HIS A 351 -14.09 0.74 20.34
CA HIS A 351 -13.72 1.94 19.58
C HIS A 351 -12.25 2.01 19.19
N GLY A 352 -11.56 0.88 19.21
CA GLY A 352 -10.17 0.84 18.78
C GLY A 352 -10.07 1.28 17.33
N ARG A 353 -9.28 2.32 17.07
CA ARG A 353 -9.10 2.77 15.70
C ARG A 353 -8.23 1.78 14.94
N PHE A 354 -8.87 1.01 14.05
CA PHE A 354 -8.17 0.03 13.24
C PHE A 354 -6.98 0.64 12.51
N ALA A 355 -5.96 -0.17 12.25
CA ALA A 355 -4.79 0.25 11.48
C ALA A 355 -3.77 -0.87 11.32
N TRP A 356 -3.11 -0.88 10.17
CA TRP A 356 -2.00 -1.79 9.94
C TRP A 356 -0.70 -1.14 10.42
N ILE A 357 0.35 -1.94 10.53
CA ILE A 357 1.69 -1.43 10.80
C ILE A 357 2.69 -2.33 10.10
N ASN A 358 3.42 -1.76 9.14
CA ASN A 358 4.24 -2.57 8.27
C ASN A 358 3.36 -3.66 7.66
N ARG A 359 2.36 -3.24 6.91
CA ARG A 359 1.44 -4.15 6.25
C ARG A 359 2.20 -5.06 5.30
N PRO A 360 2.03 -6.39 5.47
CA PRO A 360 2.67 -7.33 4.56
C PRO A 360 1.99 -7.20 3.20
N GLU A 361 2.72 -7.45 2.12
CA GLU A 361 2.15 -7.28 0.79
C GLU A 361 1.78 -8.60 0.15
N ASP A 362 2.03 -9.69 0.87
CA ASP A 362 1.63 -11.01 0.42
C ASP A 362 0.54 -11.57 1.33
N TRP A 363 -0.25 -12.50 0.79
CA TRP A 363 -1.40 -13.04 1.51
C TRP A 363 -1.03 -13.89 2.73
N PHE A 364 -0.07 -14.79 2.56
CA PHE A 364 0.31 -15.68 3.66
C PHE A 364 0.75 -14.93 4.89
N GLU A 365 1.53 -13.87 4.71
CA GLU A 365 2.00 -13.08 5.83
C GLU A 365 0.90 -12.20 6.39
N ARG A 366 -0.03 -11.82 5.53
CA ARG A 366 -1.19 -11.03 5.96
C ARG A 366 -2.18 -11.96 6.64
N ARG A 367 -2.32 -13.17 6.10
CA ARG A 367 -3.21 -14.18 6.66
C ARG A 367 -2.69 -14.72 7.98
N ALA A 368 -1.37 -14.81 8.10
CA ALA A 368 -0.76 -15.28 9.32
C ALA A 368 -0.90 -14.23 10.42
N ALA A 369 -0.70 -12.98 10.05
CA ALA A 369 -0.79 -11.87 10.99
C ALA A 369 -2.20 -11.68 11.50
N ALA A 370 -3.19 -12.03 10.67
CA ALA A 370 -4.58 -11.94 11.06
C ALA A 370 -4.86 -12.88 12.23
N CYS A 371 -4.25 -14.06 12.17
CA CYS A 371 -4.40 -15.05 13.23
C CYS A 371 -3.77 -14.59 14.54
N LEU A 372 -2.80 -13.70 14.45
CA LEU A 372 -2.13 -13.17 15.64
C LEU A 372 -3.00 -12.14 16.33
N TYR A 373 -3.61 -11.27 15.54
CA TYR A 373 -4.47 -10.22 16.05
C TYR A 373 -5.66 -10.79 16.82
N ALA A 374 -6.15 -11.94 16.37
CA ALA A 374 -7.29 -12.58 17.01
C ALA A 374 -6.86 -13.27 18.29
N ALA A 375 -5.61 -13.69 18.35
CA ALA A 375 -5.05 -14.30 19.56
C ALA A 375 -4.93 -13.25 20.65
N LEU A 376 -4.48 -12.07 20.26
CA LEU A 376 -4.25 -10.98 21.21
C LEU A 376 -5.56 -10.43 21.76
N VAL A 377 -6.56 -10.33 20.90
CA VAL A 377 -7.87 -9.83 21.33
C VAL A 377 -8.59 -10.91 22.15
N ALA A 378 -8.39 -12.17 21.79
CA ALA A 378 -8.92 -13.27 22.58
C ALA A 378 -8.23 -13.29 23.92
N ASP A 379 -6.95 -12.96 23.92
CA ASP A 379 -6.15 -12.90 25.13
C ASP A 379 -6.72 -11.86 26.10
N THR A 380 -7.05 -10.69 25.57
CA THR A 380 -7.66 -9.64 26.37
C THR A 380 -9.03 -10.07 26.89
N ALA A 381 -9.79 -10.75 26.04
CA ALA A 381 -11.14 -11.19 26.40
C ALA A 381 -11.14 -12.25 27.49
N LEU A 382 -10.23 -13.22 27.37
CA LEU A 382 -10.08 -14.27 28.36
C LEU A 382 -9.71 -13.70 29.72
N ASP A 383 -8.91 -12.63 29.72
CA ASP A 383 -8.49 -11.98 30.95
C ASP A 383 -9.58 -11.18 31.64
N LEU A 384 -10.47 -10.57 30.85
CA LEU A 384 -11.61 -9.83 31.40
C LEU A 384 -12.46 -10.68 32.35
N ILE A 385 -12.47 -11.99 32.14
CA ILE A 385 -13.34 -12.88 32.91
C ILE A 385 -12.55 -13.81 33.85
N GLY A 386 -11.23 -13.64 33.87
CA GLY A 386 -10.39 -14.41 34.77
C GLY A 386 -10.13 -15.85 34.32
N SER A 387 -10.19 -16.08 33.01
CA SER A 387 -9.91 -17.41 32.46
C SER A 387 -8.47 -17.82 32.74
N THR A 388 -8.31 -19.02 33.30
CA THR A 388 -6.99 -19.57 33.57
C THR A 388 -7.00 -21.09 33.50
N GLY A 389 -5.81 -21.68 33.54
CA GLY A 389 -5.68 -23.12 33.71
C GLY A 389 -5.84 -23.95 32.46
N ARG A 390 -7.07 -24.06 31.98
CA ARG A 390 -7.37 -24.89 30.82
C ARG A 390 -8.28 -24.14 29.85
N ILE A 391 -7.86 -24.08 28.60
CA ILE A 391 -8.69 -23.47 27.56
C ILE A 391 -8.89 -24.45 26.41
N LEU A 392 -10.15 -24.69 26.07
CA LEU A 392 -10.48 -25.56 24.96
C LEU A 392 -11.00 -24.74 23.80
N VAL A 393 -10.26 -24.72 22.69
CA VAL A 393 -10.69 -24.01 21.49
C VAL A 393 -11.56 -24.94 20.65
N GLU A 394 -12.69 -24.41 20.19
CA GLU A 394 -13.59 -25.16 19.31
C GLU A 394 -14.00 -24.26 18.14
N GLY A 395 -14.81 -24.80 17.23
CA GLY A 395 -15.20 -24.07 16.05
C GLY A 395 -14.15 -24.21 14.96
N ARG A 396 -14.37 -23.54 13.83
CA ARG A 396 -13.48 -23.71 12.68
C ARG A 396 -12.07 -23.17 12.89
N PHE A 397 -11.91 -22.19 13.76
CA PHE A 397 -10.60 -21.58 13.98
C PHE A 397 -9.72 -22.42 14.90
N ALA A 398 -10.19 -23.62 15.23
CA ALA A 398 -9.36 -24.62 15.90
C ALA A 398 -8.34 -25.21 14.94
N GLU A 399 -8.70 -25.27 13.67
CA GLU A 399 -7.80 -25.73 12.63
C GLU A 399 -6.86 -24.61 12.20
N ALA A 400 -6.92 -23.48 12.89
CA ALA A 400 -6.06 -22.33 12.59
C ALA A 400 -4.77 -22.35 13.40
N ASP A 401 -3.79 -23.11 12.93
CA ASP A 401 -2.52 -23.31 13.63
C ASP A 401 -1.88 -22.04 14.19
N VAL A 402 -1.88 -20.97 13.40
CA VAL A 402 -1.26 -19.72 13.85
C VAL A 402 -2.03 -19.15 15.04
N PHE A 403 -3.35 -19.26 15.00
CA PHE A 403 -4.19 -18.73 16.08
C PHE A 403 -3.98 -19.49 17.39
N VAL A 404 -4.23 -20.79 17.38
CA VAL A 404 -4.16 -21.62 18.57
C VAL A 404 -2.76 -21.60 19.18
N ARG A 405 -1.73 -21.77 18.38
CA ARG A 405 -0.36 -21.80 18.89
C ARG A 405 0.09 -20.44 19.43
N ALA A 406 -0.41 -19.36 18.83
CA ALA A 406 -0.13 -18.03 19.34
C ALA A 406 -0.78 -17.90 20.71
N LEU A 407 -1.94 -18.52 20.87
CA LEU A 407 -2.64 -18.51 22.15
C LEU A 407 -1.83 -19.26 23.20
N ALA A 408 -1.33 -20.43 22.83
CA ALA A 408 -0.49 -21.22 23.72
C ALA A 408 0.71 -20.41 24.21
N SER A 409 1.33 -19.66 23.31
CA SER A 409 2.50 -18.84 23.64
C SER A 409 2.15 -17.73 24.61
N LEU A 410 1.02 -17.07 24.36
CA LEU A 410 0.58 -15.98 25.21
C LEU A 410 0.26 -16.48 26.63
N ARG A 411 -0.29 -17.68 26.71
CA ARG A 411 -0.63 -18.29 28.00
C ARG A 411 0.26 -19.51 28.26
N PRO A 412 1.53 -19.24 28.58
CA PRO A 412 2.62 -20.25 28.61
C PRO A 412 2.39 -21.39 29.62
N ASP A 413 1.90 -21.07 30.82
CA ASP A 413 1.68 -22.07 31.85
C ASP A 413 0.26 -22.61 31.76
N CYS A 414 -0.54 -21.97 30.93
CA CYS A 414 -1.91 -22.44 30.69
C CYS A 414 -1.88 -23.58 29.68
N ALA A 415 -2.82 -24.49 29.79
CA ALA A 415 -2.93 -25.61 28.85
C ALA A 415 -4.03 -25.36 27.82
N VAL A 416 -3.64 -24.87 26.66
CA VAL A 416 -4.58 -24.68 25.55
C VAL A 416 -4.82 -26.00 24.82
N TYR A 417 -6.07 -26.31 24.52
CA TYR A 417 -6.41 -27.57 23.90
C TYR A 417 -7.18 -27.43 22.59
N THR A 418 -7.14 -28.48 21.78
CA THR A 418 -8.02 -28.64 20.63
C THR A 418 -8.45 -30.10 20.57
N ALA A 419 -9.64 -30.35 20.04
CA ALA A 419 -10.20 -31.70 20.02
C ALA A 419 -9.54 -32.59 18.96
N ASN A 420 -9.57 -33.89 19.21
CA ASN A 420 -8.89 -34.88 18.36
C ASN A 420 -9.75 -35.27 17.17
N ALA A 421 -11.02 -35.58 17.45
CA ALA A 421 -11.96 -35.98 16.41
C ALA A 421 -13.19 -35.09 16.43
N HIS A 422 -13.91 -35.07 15.32
CA HIS A 422 -15.18 -34.36 15.25
C HIS A 422 -16.16 -34.95 16.24
N ASN A 423 -17.01 -34.10 16.80
CA ASN A 423 -18.12 -34.54 17.64
C ASN A 423 -19.39 -33.86 17.18
N ASP A 424 -20.45 -34.63 16.92
CA ASP A 424 -21.70 -34.03 16.51
C ASP A 424 -22.15 -33.02 17.56
N VAL A 425 -22.67 -31.90 17.08
CA VAL A 425 -23.04 -30.78 17.96
C VAL A 425 -23.97 -31.20 19.10
N SER A 426 -24.68 -32.31 18.92
CA SER A 426 -25.71 -32.74 19.87
C SER A 426 -25.23 -33.71 20.96
N PHE A 427 -23.95 -34.08 20.92
CA PHE A 427 -23.46 -35.09 21.86
C PHE A 427 -23.68 -34.68 23.32
N GLY A 428 -23.35 -33.45 23.65
CA GLY A 428 -23.39 -32.97 25.02
C GLY A 428 -24.52 -33.51 25.86
N ALA A 429 -25.74 -33.49 25.30
CA ALA A 429 -26.93 -33.89 26.03
C ALA A 429 -26.85 -35.30 26.62
N LEU A 430 -26.18 -36.21 25.93
CA LEU A 430 -26.00 -37.57 26.44
C LEU A 430 -25.45 -37.56 27.86
N ARG A 431 -24.53 -36.65 28.12
CA ARG A 431 -23.88 -36.56 29.42
C ARG A 431 -24.86 -36.14 30.52
N LEU A 432 -26.08 -35.83 30.12
CA LEU A 432 -27.14 -35.48 31.06
C LEU A 432 -27.72 -36.78 31.62
N ILE A 433 -27.65 -37.84 30.82
CA ILE A 433 -28.08 -39.16 31.24
C ILE A 433 -26.93 -39.91 31.90
N ASP A 434 -25.87 -40.12 31.13
CA ASP A 434 -24.67 -40.80 31.61
C ASP A 434 -23.48 -39.84 31.64
N PRO A 435 -23.26 -39.19 32.80
CA PRO A 435 -22.13 -38.27 32.97
C PRO A 435 -20.76 -38.95 32.72
N GLY A 436 -20.68 -40.26 32.95
CA GLY A 436 -19.43 -40.98 32.75
C GLY A 436 -19.04 -41.05 31.28
N LEU A 437 -19.98 -40.72 30.40
CA LEU A 437 -19.78 -40.79 28.96
C LEU A 437 -18.90 -39.66 28.44
N ARG A 438 -18.00 -39.97 27.52
CA ARG A 438 -17.05 -38.99 27.01
C ARG A 438 -17.20 -38.75 25.51
N PRO A 439 -16.70 -37.60 25.03
CA PRO A 439 -16.76 -37.24 23.61
C PRO A 439 -15.87 -38.15 22.76
N GLN A 440 -15.82 -37.88 21.46
CA GLN A 440 -14.92 -38.60 20.57
C GLN A 440 -13.55 -37.96 20.59
N GLY A 441 -12.52 -38.78 20.38
CA GLY A 441 -11.15 -38.29 20.39
C GLY A 441 -10.68 -37.93 21.78
N GLU A 442 -9.55 -37.23 21.84
CA GLU A 442 -8.99 -36.76 23.09
C GLU A 442 -8.51 -35.34 22.89
N LEU A 443 -8.18 -34.65 23.97
CA LEU A 443 -7.61 -33.32 23.87
C LEU A 443 -6.10 -33.42 23.66
N VAL A 444 -5.60 -32.67 22.70
CA VAL A 444 -4.17 -32.57 22.44
C VAL A 444 -3.73 -31.18 22.85
N ARG A 445 -2.71 -31.08 23.70
CA ARG A 445 -2.24 -29.77 24.10
C ARG A 445 -1.52 -29.08 22.96
N ILE A 446 -1.68 -27.75 22.89
CA ILE A 446 -1.07 -26.98 21.82
C ILE A 446 0.29 -26.44 22.24
N GLU A 447 1.27 -26.64 21.36
CA GLU A 447 2.61 -26.11 21.58
C GLU A 447 2.64 -24.64 21.22
N PRO A 448 3.34 -23.83 22.01
CA PRO A 448 3.53 -22.43 21.63
C PRO A 448 4.22 -22.33 20.26
N LEU A 449 4.17 -21.16 19.63
CA LEU A 449 4.81 -20.95 18.35
C LEU A 449 6.32 -21.11 18.48
N ASP A 450 6.91 -21.87 17.56
CA ASP A 450 8.36 -22.11 17.55
C ASP A 450 9.15 -20.79 17.55
N THR A 451 10.27 -20.80 18.28
CA THR A 451 11.18 -19.67 18.30
C THR A 451 12.40 -19.94 17.42
N ASP A 456 10.13 -13.74 18.87
CA ASP A 456 9.22 -14.27 19.89
C ASP A 456 7.95 -13.43 20.01
N LEU A 457 7.03 -13.86 20.88
CA LEU A 457 5.71 -13.27 20.93
C LEU A 457 5.52 -12.18 21.99
N ASP A 458 6.37 -12.17 23.01
CA ASP A 458 6.31 -11.12 24.03
C ASP A 458 6.63 -9.76 23.42
N THR A 459 7.82 -9.64 22.84
CA THR A 459 8.23 -8.40 22.18
C THR A 459 7.11 -7.95 21.26
N TYR A 460 6.57 -8.89 20.49
CA TYR A 460 5.47 -8.63 19.57
C TYR A 460 4.25 -8.09 20.31
N ARG A 461 3.73 -8.85 21.27
CA ARG A 461 2.56 -8.42 22.02
C ARG A 461 2.83 -7.13 22.77
N ASN A 462 4.05 -7.01 23.30
CA ASN A 462 4.45 -5.79 23.99
C ASN A 462 4.31 -4.57 23.08
N ARG A 463 4.85 -4.67 21.87
CA ARG A 463 4.68 -3.62 20.88
C ARG A 463 3.19 -3.38 20.58
N TRP A 464 2.50 -4.47 20.24
CA TRP A 464 1.06 -4.41 19.96
C TRP A 464 0.31 -3.68 21.06
N GLN A 465 0.43 -4.18 22.29
CA GLN A 465 -0.25 -3.59 23.44
C GLN A 465 0.07 -2.10 23.58
N ALA A 466 1.37 -1.77 23.57
CA ALA A 466 1.80 -0.39 23.65
C ALA A 466 1.10 0.47 22.59
N GLU A 467 1.20 0.02 21.34
CA GLU A 467 0.57 0.72 20.23
C GLU A 467 -0.92 0.95 20.45
N VAL A 468 -1.64 -0.09 20.88
CA VAL A 468 -3.07 0.02 21.12
C VAL A 468 -3.39 1.20 22.05
N GLU A 469 -2.65 1.29 23.16
CA GLU A 469 -2.83 2.36 24.11
C GLU A 469 -2.47 3.73 23.51
N LEU B 3 32.45 -5.10 -47.41
CA LEU B 3 31.92 -5.70 -46.19
C LEU B 3 31.91 -4.73 -45.01
N SER B 4 32.92 -3.86 -44.92
CA SER B 4 32.94 -2.83 -43.89
C SER B 4 31.91 -1.75 -44.19
N THR B 5 31.27 -1.22 -43.15
CA THR B 5 30.08 -0.35 -43.37
C THR B 5 30.18 1.10 -42.87
N GLY B 6 31.22 1.43 -42.10
CA GLY B 6 31.35 2.75 -41.52
C GLY B 6 31.34 3.90 -42.52
N ALA B 7 30.35 4.78 -42.40
CA ALA B 7 30.24 5.90 -43.33
C ALA B 7 30.59 7.25 -42.68
N THR B 8 30.36 7.35 -41.37
CA THR B 8 30.54 8.63 -40.69
C THR B 8 31.31 8.49 -39.38
N ILE B 9 32.25 9.41 -39.17
CA ILE B 9 32.89 9.53 -37.87
C ILE B 9 32.36 10.75 -37.13
N VAL B 10 31.97 10.54 -35.87
CA VAL B 10 31.64 11.64 -35.00
C VAL B 10 32.74 11.76 -33.96
N ILE B 11 33.32 12.95 -33.85
CA ILE B 11 34.31 13.21 -32.82
C ILE B 11 33.68 14.13 -31.78
N ASP B 12 33.85 13.78 -30.51
CA ASP B 12 33.09 14.42 -29.44
C ASP B 12 34.03 14.92 -28.33
N LEU B 13 34.39 16.19 -28.39
CA LEU B 13 35.36 16.75 -27.45
C LEU B 13 34.65 17.26 -26.20
N GLY B 14 34.28 16.33 -25.32
CA GLY B 14 33.57 16.68 -24.10
C GLY B 14 34.45 17.37 -23.09
N LYS B 15 33.86 17.86 -22.01
CA LYS B 15 34.61 18.57 -20.99
C LYS B 15 35.61 17.68 -20.25
N THR B 16 35.20 16.48 -19.88
CA THR B 16 36.12 15.56 -19.20
C THR B 16 36.55 14.35 -20.04
N LEU B 17 35.73 13.97 -21.02
CA LEU B 17 36.10 12.89 -21.93
C LEU B 17 36.08 13.31 -23.41
N SER B 18 37.10 12.88 -24.15
CA SER B 18 37.10 13.03 -25.61
C SER B 18 36.76 11.69 -26.24
N LYS B 19 35.79 11.68 -27.14
CA LYS B 19 35.35 10.43 -27.74
C LYS B 19 35.36 10.49 -29.26
N VAL B 20 35.66 9.35 -29.87
CA VAL B 20 35.57 9.19 -31.30
C VAL B 20 34.74 7.95 -31.58
N SER B 21 33.81 8.07 -32.53
CA SER B 21 32.94 6.95 -32.84
C SER B 21 32.64 6.84 -34.34
N LEU B 22 32.44 5.61 -34.78
CA LEU B 22 32.17 5.32 -36.18
C LEU B 22 30.76 4.75 -36.30
N TRP B 23 30.01 5.25 -37.28
CA TRP B 23 28.63 4.82 -37.48
C TRP B 23 28.40 4.42 -38.93
N ASP B 24 27.40 3.57 -39.15
CA ASP B 24 27.06 3.11 -40.49
C ASP B 24 25.93 3.92 -41.08
N LEU B 25 25.58 3.64 -42.33
CA LEU B 25 24.54 4.38 -43.03
C LEU B 25 23.19 4.32 -42.34
N ASP B 26 22.95 3.25 -41.60
CA ASP B 26 21.70 3.07 -40.87
C ASP B 26 21.74 3.70 -39.49
N GLY B 27 22.83 4.39 -39.18
CA GLY B 27 22.98 5.07 -37.91
C GLY B 27 23.30 4.14 -36.75
N ARG B 28 23.94 3.02 -37.04
CA ARG B 28 24.36 2.10 -35.98
C ARG B 28 25.86 2.24 -35.71
N MSE B 29 26.19 2.39 -34.43
CA MSE B 29 27.56 2.60 -34.00
C MSE B 29 28.40 1.33 -34.07
O MSE B 29 28.02 0.30 -33.53
CB MSE B 29 27.57 3.12 -32.57
CG MSE B 29 28.91 3.61 -32.09
SE MSE B 29 28.72 4.22 -30.26
CE MSE B 29 30.40 5.14 -30.06
N LEU B 30 29.55 1.41 -34.74
CA LEU B 30 30.41 0.26 -34.95
C LEU B 30 31.55 0.18 -33.94
N ASP B 31 32.04 1.33 -33.50
CA ASP B 31 33.19 1.39 -32.63
C ASP B 31 33.32 2.74 -31.91
N ARG B 32 33.87 2.71 -30.70
CA ARG B 32 34.06 3.91 -29.89
C ARG B 32 35.42 3.93 -29.21
N GLN B 33 36.08 5.08 -29.27
CA GLN B 33 37.33 5.27 -28.54
C GLN B 33 37.21 6.55 -27.70
N VAL B 34 37.75 6.51 -26.49
CA VAL B 34 37.64 7.61 -25.55
C VAL B 34 38.99 7.96 -24.91
N ARG B 35 39.18 9.24 -24.60
CA ARG B 35 40.39 9.70 -23.92
C ARG B 35 40.07 10.79 -22.91
N PRO B 36 40.46 10.56 -21.65
CA PRO B 36 40.30 11.57 -20.61
C PRO B 36 41.09 12.84 -20.95
N SER B 37 40.48 14.00 -20.73
CA SER B 37 41.20 15.25 -20.89
C SER B 37 42.05 15.54 -19.65
N ILE B 38 43.22 16.13 -19.85
CA ILE B 38 44.11 16.45 -18.74
C ILE B 38 44.06 17.94 -18.38
N PRO B 39 43.78 18.24 -17.10
CA PRO B 39 43.67 19.62 -16.61
C PRO B 39 45.01 20.32 -16.57
N LEU B 40 45.22 21.27 -17.48
CA LEU B 40 46.47 22.02 -17.55
C LEU B 40 46.31 23.44 -17.04
N GLU B 41 47.39 24.00 -16.54
CA GLU B 41 47.40 25.41 -16.14
C GLU B 41 48.69 26.07 -16.55
N ILE B 42 48.59 27.04 -17.43
CA ILE B 42 49.73 27.84 -17.86
C ILE B 42 49.44 29.32 -17.58
N ASP B 43 50.45 30.02 -17.08
CA ASP B 43 50.35 31.47 -16.91
C ASP B 43 49.31 31.85 -15.85
N GLY B 44 49.12 30.98 -14.86
CA GLY B 44 48.19 31.26 -13.78
C GLY B 44 46.74 31.06 -14.16
N ILE B 45 46.49 30.72 -15.43
CA ILE B 45 45.15 30.48 -15.94
C ILE B 45 44.98 29.02 -16.36
N ARG B 46 43.85 28.42 -16.02
CA ARG B 46 43.59 27.02 -16.36
C ARG B 46 43.14 26.85 -17.82
N ARG B 47 43.68 25.82 -18.47
CA ARG B 47 43.56 25.66 -19.91
C ARG B 47 42.90 24.33 -20.34
N LEU B 48 42.53 24.23 -21.61
CA LEU B 48 41.66 23.15 -22.11
C LEU B 48 42.28 21.88 -22.70
N ASP B 49 43.57 21.92 -23.05
CA ASP B 49 44.27 20.69 -23.49
C ASP B 49 44.12 20.37 -24.99
N ALA B 50 44.08 21.40 -25.82
CA ALA B 50 43.88 21.22 -27.27
C ALA B 50 44.93 20.33 -27.97
N PRO B 51 46.22 20.70 -27.85
CA PRO B 51 47.27 20.01 -28.60
C PRO B 51 47.31 18.50 -28.39
N ASP B 52 47.20 18.05 -27.13
CA ASP B 52 47.25 16.63 -26.83
C ASP B 52 46.02 15.88 -27.34
N THR B 53 44.86 16.52 -27.23
CA THR B 53 43.63 15.94 -27.77
C THR B 53 43.77 15.75 -29.28
N GLY B 54 44.46 16.70 -29.92
CA GLY B 54 44.66 16.66 -31.35
C GLY B 54 45.57 15.54 -31.79
N ARG B 55 46.69 15.37 -31.10
CA ARG B 55 47.64 14.31 -31.42
C ARG B 55 46.96 12.95 -31.29
N TRP B 56 46.20 12.77 -30.23
CA TRP B 56 45.44 11.55 -30.01
C TRP B 56 44.45 11.34 -31.15
N LEU B 57 43.76 12.42 -31.51
CA LEU B 57 42.78 12.40 -32.59
C LEU B 57 43.40 11.83 -33.87
N LEU B 58 44.57 12.35 -34.24
CA LEU B 58 45.26 11.90 -35.44
C LEU B 58 45.57 10.41 -35.42
N ASP B 59 45.91 9.90 -34.24
CA ASP B 59 46.23 8.48 -34.09
C ASP B 59 44.99 7.61 -34.20
N VAL B 60 44.07 7.79 -33.26
CA VAL B 60 42.86 6.98 -33.21
C VAL B 60 42.05 7.03 -34.52
N LEU B 61 42.21 8.11 -35.28
CA LEU B 61 41.41 8.29 -36.50
C LEU B 61 41.83 7.34 -37.61
N SER B 62 43.08 6.89 -37.58
CA SER B 62 43.57 5.99 -38.62
C SER B 62 43.01 4.57 -38.48
N ARG B 63 42.44 4.26 -37.33
CA ARG B 63 41.80 2.96 -37.13
C ARG B 63 40.57 2.79 -38.02
N TYR B 64 40.13 3.88 -38.63
CA TYR B 64 38.90 3.85 -39.42
C TYR B 64 39.16 3.92 -40.92
N ALA B 65 40.41 3.70 -41.31
CA ALA B 65 40.84 3.84 -42.71
C ALA B 65 40.27 2.80 -43.68
N ASP B 66 39.81 1.66 -43.18
CA ASP B 66 39.29 0.59 -44.03
C ASP B 66 37.75 0.58 -44.07
N HIS B 67 37.13 1.67 -43.63
CA HIS B 67 35.70 1.84 -43.78
C HIS B 67 35.45 2.94 -44.81
N PRO B 68 34.30 2.91 -45.48
CA PRO B 68 33.97 3.94 -46.46
C PRO B 68 33.47 5.21 -45.78
N VAL B 69 34.33 5.89 -45.02
CA VAL B 69 33.94 7.12 -44.34
C VAL B 69 33.81 8.29 -45.33
N THR B 70 32.68 8.98 -45.30
CA THR B 70 32.47 10.14 -46.17
C THR B 70 32.30 11.44 -45.40
N THR B 71 32.04 11.33 -44.10
CA THR B 71 31.75 12.51 -43.30
C THR B 71 32.31 12.44 -41.88
N ILE B 72 32.87 13.55 -41.43
CA ILE B 72 33.22 13.73 -40.02
C ILE B 72 32.41 14.89 -39.45
N VAL B 73 31.79 14.66 -38.28
CA VAL B 73 31.01 15.68 -37.61
C VAL B 73 31.61 15.94 -36.23
N PRO B 74 32.02 17.19 -35.97
CA PRO B 74 32.59 17.52 -34.67
C PRO B 74 31.52 17.96 -33.69
N VAL B 75 31.62 17.51 -32.46
CA VAL B 75 30.72 17.95 -31.40
C VAL B 75 31.59 18.42 -30.24
N GLY B 76 31.16 19.49 -29.58
CA GLY B 76 31.99 20.13 -28.56
C GLY B 76 31.21 20.61 -27.35
N HIS B 77 31.86 20.58 -26.19
CA HIS B 77 31.23 21.05 -24.97
C HIS B 77 31.08 22.57 -25.00
N GLY B 78 30.23 23.10 -24.12
CA GLY B 78 29.91 24.52 -24.10
C GLY B 78 30.82 25.40 -23.27
N ALA B 79 30.56 26.71 -23.30
CA ALA B 79 31.38 27.69 -22.59
C ALA B 79 32.86 27.52 -22.91
N GLY B 80 33.15 27.20 -24.16
CA GLY B 80 34.51 27.07 -24.63
C GLY B 80 34.72 27.91 -25.87
N ILE B 81 35.75 28.75 -25.84
CA ILE B 81 36.04 29.62 -26.97
C ILE B 81 37.53 29.59 -27.34
N ALA B 82 37.81 29.49 -28.63
CA ALA B 82 39.17 29.45 -29.11
C ALA B 82 39.47 30.70 -29.95
N ALA B 83 40.75 31.07 -30.01
CA ALA B 83 41.16 32.22 -30.79
C ALA B 83 42.27 31.80 -31.73
N LEU B 84 42.12 32.14 -33.01
CA LEU B 84 43.08 31.75 -34.05
C LEU B 84 43.85 32.95 -34.57
N THR B 85 45.16 32.76 -34.77
CA THR B 85 46.01 33.79 -35.34
C THR B 85 47.10 33.15 -36.20
N ASP B 86 47.13 33.52 -37.48
CA ASP B 86 48.07 32.98 -38.47
C ASP B 86 48.10 31.45 -38.51
N GLY B 87 46.92 30.84 -38.63
CA GLY B 87 46.83 29.42 -38.83
C GLY B 87 47.11 28.57 -37.60
N ARG B 88 47.05 29.17 -36.43
CA ARG B 88 47.29 28.45 -35.19
C ARG B 88 46.55 29.10 -34.03
N LEU B 89 46.39 28.36 -32.93
CA LEU B 89 45.79 28.89 -31.72
C LEU B 89 46.59 30.10 -31.23
N ALA B 90 45.89 31.18 -30.92
CA ALA B 90 46.54 32.40 -30.44
C ALA B 90 47.04 32.24 -29.01
N PHE B 91 46.51 31.22 -28.33
CA PHE B 91 46.88 30.90 -26.96
C PHE B 91 46.01 29.72 -26.56
N PRO B 92 46.35 29.07 -25.44
CA PRO B 92 45.53 27.93 -25.00
C PRO B 92 44.18 28.39 -24.46
N PRO B 93 43.09 27.88 -25.06
CA PRO B 93 41.73 28.25 -24.68
C PRO B 93 41.46 28.01 -23.21
N LEU B 94 40.72 28.92 -22.58
CA LEU B 94 40.44 28.82 -21.16
C LEU B 94 39.54 27.63 -20.79
N ASP B 95 39.83 27.04 -19.63
CA ASP B 95 38.93 26.11 -18.98
C ASP B 95 37.86 26.95 -18.27
N TYR B 96 36.59 26.66 -18.51
CA TYR B 96 35.54 27.53 -18.00
C TYR B 96 35.37 27.50 -16.48
N GLU B 97 36.04 26.54 -15.82
CA GLU B 97 36.03 26.51 -14.37
C GLU B 97 37.11 27.42 -13.79
N GLN B 98 37.90 28.03 -14.68
CA GLN B 98 38.94 28.95 -14.25
C GLN B 98 38.35 30.16 -13.57
N SER B 99 38.81 30.43 -12.37
CA SER B 99 38.37 31.59 -11.60
C SER B 99 38.66 32.88 -12.35
N ILE B 100 37.80 33.87 -12.16
CA ILE B 100 38.04 35.18 -12.74
C ILE B 100 38.04 36.23 -11.63
N PRO B 101 39.08 37.09 -11.60
CA PRO B 101 39.24 38.07 -10.53
C PRO B 101 37.96 38.86 -10.29
N GLU B 102 37.59 38.98 -9.01
CA GLU B 102 36.35 39.63 -8.61
C GLU B 102 36.25 41.04 -9.15
N ALA B 103 37.37 41.74 -9.23
CA ALA B 103 37.40 43.12 -9.69
C ALA B 103 37.17 43.21 -11.20
N VAL B 104 37.66 42.21 -11.93
CA VAL B 104 37.44 42.14 -13.37
C VAL B 104 35.98 41.75 -13.64
N MSE B 105 35.52 40.74 -12.92
CA MSE B 105 34.17 40.24 -13.10
C MSE B 105 33.14 41.34 -12.88
O MSE B 105 32.22 41.51 -13.69
CB MSE B 105 33.90 39.08 -12.13
CG MSE B 105 32.54 38.43 -12.36
SE MSE B 105 32.41 37.60 -14.12
CE MSE B 105 32.74 35.75 -13.61
N ALA B 106 33.30 42.09 -11.79
CA ALA B 106 32.36 43.16 -11.46
C ALA B 106 32.32 44.25 -12.54
N ASP B 107 33.47 44.51 -13.17
CA ASP B 107 33.51 45.43 -14.30
C ASP B 107 32.65 44.87 -15.42
N TYR B 108 32.81 43.58 -15.69
CA TYR B 108 32.08 42.92 -16.76
C TYR B 108 30.58 42.89 -16.49
N ARG B 109 30.21 42.48 -15.28
CA ARG B 109 28.80 42.37 -14.89
C ARG B 109 28.05 43.66 -15.17
N SER B 110 28.72 44.80 -14.97
CA SER B 110 28.10 46.10 -15.14
C SER B 110 28.14 46.58 -16.59
N GLN B 111 28.24 45.64 -17.53
CA GLN B 111 28.36 45.98 -18.94
C GLN B 111 27.45 45.04 -19.73
N ARG B 112 26.78 44.13 -19.03
CA ARG B 112 26.01 43.06 -19.65
C ARG B 112 24.61 43.48 -20.07
N ASP B 113 24.06 42.77 -21.05
CA ASP B 113 22.71 43.04 -21.53
C ASP B 113 21.68 42.56 -20.54
N PRO B 114 20.44 43.06 -20.65
CA PRO B 114 19.34 42.54 -19.84
C PRO B 114 19.13 41.04 -20.09
N PHE B 115 18.75 40.31 -19.06
CA PHE B 115 18.52 38.87 -19.21
C PHE B 115 17.43 38.61 -20.23
N ALA B 116 16.48 39.53 -20.33
CA ALA B 116 15.34 39.35 -21.22
C ALA B 116 15.74 39.38 -22.69
N ARG B 117 16.91 39.94 -22.97
CA ARG B 117 17.45 40.02 -24.32
C ARG B 117 18.25 38.79 -24.74
N THR B 118 19.02 38.25 -23.79
CA THR B 118 19.99 37.20 -24.09
C THR B 118 19.51 35.82 -23.64
N GLY B 119 18.71 35.78 -22.59
CA GLY B 119 18.36 34.51 -21.97
C GLY B 119 19.60 33.86 -21.39
N SER B 120 20.59 34.68 -21.07
CA SER B 120 21.88 34.21 -20.59
C SER B 120 22.13 34.70 -19.17
N PRO B 121 22.02 33.80 -18.18
CA PRO B 121 22.13 34.17 -16.78
C PRO B 121 23.56 34.54 -16.41
N ALA B 122 23.72 35.42 -15.43
CA ALA B 122 25.04 35.66 -14.86
C ALA B 122 25.50 34.35 -14.23
N LEU B 123 26.66 33.87 -14.67
CA LEU B 123 27.21 32.62 -14.15
C LEU B 123 28.66 32.83 -13.77
N PRO B 124 29.12 32.14 -12.72
CA PRO B 124 30.46 32.30 -12.15
C PRO B 124 31.58 31.84 -13.08
N ASP B 125 32.81 32.22 -12.73
CA ASP B 125 33.97 31.76 -13.47
C ASP B 125 33.83 32.05 -14.96
N GLY B 126 34.11 31.06 -15.80
CA GLY B 126 34.06 31.26 -17.24
C GLY B 126 32.83 30.71 -17.91
N LEU B 127 31.81 30.38 -17.11
CA LEU B 127 30.58 29.81 -17.64
C LEU B 127 29.90 30.73 -18.65
N ASN B 128 30.04 32.04 -18.46
CA ASN B 128 29.70 33.02 -19.49
C ASN B 128 30.94 33.28 -20.33
N ILE B 129 30.90 32.90 -21.60
CA ILE B 129 32.07 33.09 -22.45
C ILE B 129 32.50 34.56 -22.48
N GLY B 130 31.52 35.47 -22.48
CA GLY B 130 31.79 36.89 -22.44
C GLY B 130 32.72 37.25 -21.29
N SER B 131 32.55 36.57 -20.16
CA SER B 131 33.41 36.80 -18.99
C SER B 131 34.87 36.54 -19.35
N GLN B 132 35.12 35.45 -20.06
CA GLN B 132 36.46 35.11 -20.55
C GLN B 132 37.01 36.20 -21.47
N LEU B 133 36.24 36.52 -22.49
CA LEU B 133 36.66 37.53 -23.47
C LEU B 133 36.97 38.85 -22.81
N TRP B 134 36.11 39.27 -21.87
CA TRP B 134 36.34 40.49 -21.12
C TRP B 134 37.70 40.44 -20.43
N TRP B 135 37.91 39.41 -19.61
CA TRP B 135 39.16 39.28 -18.87
C TRP B 135 40.36 39.24 -19.82
N LEU B 136 40.17 38.61 -20.97
CA LEU B 136 41.26 38.48 -21.95
C LEU B 136 41.59 39.80 -22.65
N ASP B 137 40.58 40.63 -22.87
CA ASP B 137 40.83 41.96 -23.43
C ASP B 137 41.72 42.77 -22.49
N GLN B 138 41.55 42.55 -21.19
CA GLN B 138 42.37 43.21 -20.19
C GLN B 138 43.79 42.65 -20.17
N LEU B 139 43.91 41.33 -20.18
CA LEU B 139 45.23 40.68 -20.13
C LEU B 139 46.08 40.87 -21.38
N HIS B 140 45.47 40.75 -22.56
CA HIS B 140 46.25 40.77 -23.80
C HIS B 140 45.54 41.49 -24.94
N PRO B 141 45.30 42.81 -24.78
CA PRO B 141 44.53 43.62 -25.73
C PRO B 141 44.85 43.33 -27.19
N ASP B 142 46.12 43.47 -27.57
CA ASP B 142 46.54 43.27 -28.95
C ASP B 142 46.34 41.82 -29.39
N VAL B 143 46.80 40.90 -28.57
CA VAL B 143 46.61 39.47 -28.84
C VAL B 143 45.18 39.17 -29.25
N MSE B 144 44.21 39.76 -28.54
CA MSE B 144 42.81 39.53 -28.84
C MSE B 144 42.38 40.24 -30.13
O MSE B 144 41.64 39.67 -30.93
CB MSE B 144 41.92 39.98 -27.68
CG MSE B 144 42.18 39.23 -26.37
SE MSE B 144 42.42 37.29 -26.62
CE MSE B 144 40.68 36.82 -27.38
N ALA B 145 42.86 41.46 -30.33
CA ALA B 145 42.53 42.22 -31.52
C ALA B 145 43.05 41.54 -32.80
N ASN B 146 44.02 40.65 -32.64
CA ASN B 146 44.63 39.99 -33.78
C ASN B 146 44.17 38.55 -33.98
N ALA B 147 43.11 38.14 -33.29
CA ALA B 147 42.69 36.75 -33.32
C ALA B 147 41.22 36.57 -33.67
N THR B 148 40.93 35.52 -34.44
CA THR B 148 39.56 35.21 -34.84
C THR B 148 38.94 34.27 -33.81
N LEU B 149 37.77 34.64 -33.32
CA LEU B 149 37.09 33.87 -32.30
C LEU B 149 36.31 32.70 -32.90
N LEU B 150 36.35 31.57 -32.19
CA LEU B 150 35.78 30.33 -32.69
C LEU B 150 35.25 29.49 -31.54
N PRO B 151 33.98 29.04 -31.61
CA PRO B 151 33.49 28.14 -30.55
C PRO B 151 34.24 26.80 -30.54
N TRP B 152 34.37 26.23 -29.35
CA TRP B 152 35.13 25.00 -29.14
C TRP B 152 34.79 23.89 -30.14
N ALA B 153 33.51 23.61 -30.33
CA ALA B 153 33.09 22.61 -31.30
C ALA B 153 33.66 22.90 -32.69
N GLN B 154 33.65 24.17 -33.07
CA GLN B 154 34.15 24.58 -34.39
C GLN B 154 35.67 24.62 -34.49
N TYR B 155 36.37 24.84 -33.39
CA TYR B 155 37.83 24.77 -33.45
C TYR B 155 38.26 23.44 -34.04
N TRP B 156 37.49 22.40 -33.74
CA TRP B 156 37.84 21.06 -34.17
C TRP B 156 37.48 20.75 -35.62
N ALA B 157 36.52 21.50 -36.17
CA ALA B 157 36.29 21.46 -37.62
C ALA B 157 37.42 22.20 -38.32
N TRP B 158 37.92 23.25 -37.68
CA TRP B 158 39.06 23.98 -38.21
C TRP B 158 40.31 23.11 -38.19
N PHE B 159 40.45 22.34 -37.11
CA PHE B 159 41.60 21.46 -36.94
C PHE B 159 41.69 20.45 -38.07
N LEU B 160 40.54 20.08 -38.62
CA LEU B 160 40.47 19.08 -39.68
C LEU B 160 40.47 19.67 -41.09
N THR B 161 40.17 20.96 -41.21
CA THR B 161 39.94 21.56 -42.53
C THR B 161 40.82 22.77 -42.82
N GLY B 162 41.28 23.45 -41.77
CA GLY B 162 42.00 24.69 -41.94
C GLY B 162 41.07 25.89 -42.11
N ARG B 163 39.77 25.65 -41.95
CA ARG B 163 38.77 26.69 -42.19
C ARG B 163 37.96 26.95 -40.93
N ALA B 164 37.72 28.23 -40.65
CA ALA B 164 37.08 28.67 -39.41
C ALA B 164 35.65 29.17 -39.60
N VAL B 165 34.71 28.60 -38.85
CA VAL B 165 33.34 29.08 -38.86
C VAL B 165 32.76 29.04 -37.44
N SER B 166 31.70 29.81 -37.21
CA SER B 166 30.98 29.73 -35.97
C SER B 166 29.66 29.01 -36.19
N GLU B 167 29.05 28.51 -35.12
CA GLU B 167 27.76 27.85 -35.22
C GLU B 167 26.91 28.25 -34.01
N VAL B 168 25.60 28.39 -34.25
CA VAL B 168 24.72 29.05 -33.30
C VAL B 168 24.44 28.31 -31.98
N THR B 169 24.33 27.00 -32.00
CA THR B 169 23.99 26.27 -30.78
C THR B 169 24.96 26.58 -29.63
N SER B 170 26.25 26.70 -29.96
CA SER B 170 27.26 27.02 -28.94
C SER B 170 27.16 28.46 -28.45
N LEU B 171 26.73 29.36 -29.33
CA LEU B 171 26.60 30.76 -28.94
C LEU B 171 25.42 30.98 -28.00
N GLY B 172 24.44 30.08 -28.07
CA GLY B 172 23.25 30.21 -27.25
C GLY B 172 23.39 29.55 -25.90
N CYS B 173 24.59 29.05 -25.61
CA CYS B 173 24.85 28.36 -24.35
C CYS B 173 25.31 29.34 -23.27
N HIS B 174 24.36 30.13 -22.78
CA HIS B 174 24.62 31.15 -21.77
C HIS B 174 25.98 31.83 -21.92
N SER B 175 26.23 32.38 -23.11
CA SER B 175 27.52 32.98 -23.43
C SER B 175 27.54 34.47 -23.21
N ASP B 176 26.36 35.08 -23.16
CA ASP B 176 26.22 36.53 -23.07
C ASP B 176 26.38 37.18 -24.44
N LEU B 177 26.75 36.40 -25.44
CA LEU B 177 27.06 36.93 -26.76
C LEU B 177 25.90 36.81 -27.74
N TRP B 178 24.79 36.22 -27.30
CA TRP B 178 23.72 35.90 -28.22
C TRP B 178 22.34 36.49 -27.86
N ASP B 179 21.58 36.80 -28.90
CA ASP B 179 20.20 37.29 -28.76
C ASP B 179 19.28 36.30 -29.47
N PRO B 180 18.72 35.35 -28.70
CA PRO B 180 17.95 34.22 -29.25
C PRO B 180 16.76 34.66 -30.11
N GLN B 181 15.96 35.59 -29.63
CA GLN B 181 14.79 36.05 -30.37
C GLN B 181 15.19 36.79 -31.66
N ASP B 182 16.22 37.61 -31.55
CA ASP B 182 16.72 38.36 -32.70
C ASP B 182 17.58 37.46 -33.60
N GLY B 183 17.86 36.25 -33.15
CA GLY B 183 18.71 35.34 -33.91
C GLY B 183 19.97 36.01 -34.41
N ASP B 184 20.71 36.63 -33.50
CA ASP B 184 21.88 37.40 -33.86
C ASP B 184 22.68 37.73 -32.61
N PHE B 185 23.91 38.21 -32.78
CA PHE B 185 24.75 38.59 -31.67
C PHE B 185 24.04 39.59 -30.74
N SER B 186 24.35 39.52 -29.46
CA SER B 186 23.79 40.44 -28.48
C SER B 186 24.39 41.83 -28.65
N PRO B 187 23.62 42.86 -28.27
CA PRO B 187 24.07 44.26 -28.31
C PRO B 187 25.45 44.43 -27.67
N MSE B 188 25.70 43.78 -26.54
CA MSE B 188 26.97 43.94 -25.86
C MSE B 188 28.14 43.36 -26.69
O MSE B 188 29.20 43.99 -26.82
CB MSE B 188 26.97 43.31 -24.47
CG MSE B 188 28.34 43.29 -23.83
SE MSE B 188 28.56 41.88 -22.50
CE MSE B 188 27.37 40.57 -23.27
N ALA B 189 27.93 42.18 -27.25
CA ALA B 189 28.95 41.57 -28.09
C ALA B 189 29.25 42.46 -29.29
N LYS B 190 28.20 42.99 -29.90
CA LYS B 190 28.38 43.91 -31.03
C LYS B 190 29.16 45.13 -30.58
N ARG B 191 28.63 45.82 -29.57
CA ARG B 191 29.22 47.06 -29.06
C ARG B 191 30.68 46.92 -28.67
N LEU B 192 31.01 45.80 -28.01
CA LEU B 192 32.38 45.59 -27.55
C LEU B 192 33.33 45.23 -28.68
N GLY B 193 32.77 44.90 -29.84
CA GLY B 193 33.56 44.53 -30.99
C GLY B 193 33.94 43.06 -31.03
N TRP B 194 33.33 42.27 -30.15
CA TRP B 194 33.61 40.84 -30.10
C TRP B 194 32.92 40.09 -31.22
N ALA B 195 31.70 40.50 -31.56
CA ALA B 195 30.94 39.83 -32.62
C ALA B 195 31.66 39.96 -33.96
N ALA B 196 32.41 41.03 -34.12
CA ALA B 196 33.13 41.27 -35.37
C ALA B 196 34.33 40.32 -35.49
N ARG B 197 34.82 39.84 -34.36
CA ARG B 197 36.01 39.00 -34.32
C ARG B 197 35.67 37.52 -34.51
N PHE B 198 34.38 37.21 -34.59
CA PHE B 198 33.94 35.83 -34.76
C PHE B 198 34.04 35.33 -36.19
N ALA B 199 34.29 34.04 -36.34
CA ALA B 199 34.27 33.39 -37.63
C ALA B 199 32.84 33.39 -38.16
N PRO B 200 32.67 33.43 -39.49
CA PRO B 200 31.34 33.48 -40.12
C PRO B 200 30.45 32.35 -39.62
N ILE B 201 29.21 32.69 -39.26
CA ILE B 201 28.25 31.69 -38.81
C ILE B 201 27.70 30.89 -39.98
N VAL B 202 27.68 29.56 -39.82
CA VAL B 202 27.03 28.67 -40.77
C VAL B 202 26.25 27.62 -40.00
N ARG B 203 25.41 26.86 -40.70
CA ARG B 203 24.62 25.81 -40.05
C ARG B 203 25.44 24.58 -39.69
N ALA B 204 25.05 23.96 -38.58
CA ALA B 204 25.76 22.80 -38.04
C ALA B 204 25.94 21.70 -39.07
N GLY B 205 24.99 21.57 -39.99
CA GLY B 205 25.02 20.50 -40.97
C GLY B 205 25.70 20.89 -42.27
N ASP B 206 26.21 22.10 -42.36
CA ASP B 206 26.94 22.54 -43.54
C ASP B 206 28.33 21.91 -43.59
N THR B 207 28.89 21.82 -44.79
CA THR B 207 30.25 21.36 -44.96
C THR B 207 31.18 22.55 -44.81
N VAL B 208 32.06 22.51 -43.81
CA VAL B 208 33.06 23.55 -43.66
C VAL B 208 34.11 23.40 -44.74
N GLY B 209 34.39 22.14 -45.09
CA GLY B 209 35.37 21.82 -46.09
C GLY B 209 35.77 20.35 -46.02
N ALA B 210 36.68 19.94 -46.90
CA ALA B 210 37.14 18.57 -46.90
C ALA B 210 38.33 18.39 -45.95
N LEU B 211 38.61 17.14 -45.62
CA LEU B 211 39.70 16.80 -44.70
C LEU B 211 41.05 17.26 -45.25
N LEU B 212 41.74 18.09 -44.48
CA LEU B 212 43.12 18.45 -44.78
C LEU B 212 43.92 17.25 -45.32
N PRO B 213 44.50 17.38 -46.53
CA PRO B 213 45.27 16.31 -47.18
C PRO B 213 46.34 15.70 -46.26
N ALA B 214 47.04 16.53 -45.52
CA ALA B 214 48.06 16.04 -44.59
C ALA B 214 47.44 15.08 -43.58
N ILE B 215 46.18 15.31 -43.21
CA ILE B 215 45.50 14.47 -42.24
C ILE B 215 44.95 13.21 -42.89
N ALA B 216 44.42 13.35 -44.10
CA ALA B 216 43.95 12.19 -44.84
C ALA B 216 45.09 11.19 -45.06
N GLU B 217 46.20 11.67 -45.60
CA GLU B 217 47.35 10.82 -45.88
C GLU B 217 47.83 10.10 -44.62
N ARG B 218 47.84 10.82 -43.49
CA ARG B 218 48.33 10.26 -42.22
C ARG B 218 47.38 9.22 -41.63
N THR B 219 46.07 9.48 -41.71
CA THR B 219 45.08 8.61 -41.10
C THR B 219 44.65 7.49 -42.02
N GLY B 220 44.85 7.69 -43.32
CA GLY B 220 44.42 6.73 -44.31
C GLY B 220 43.00 6.95 -44.77
N LEU B 221 42.36 8.00 -44.25
CA LEU B 221 41.02 8.39 -44.71
C LEU B 221 41.13 9.17 -46.02
N SER B 222 40.09 9.08 -46.84
CA SER B 222 40.07 9.76 -48.13
C SER B 222 40.12 11.28 -48.01
N PRO B 223 40.79 11.94 -48.97
CA PRO B 223 40.86 13.41 -48.99
C PRO B 223 39.51 13.98 -49.42
N ASP B 224 38.58 13.10 -49.76
CA ASP B 224 37.24 13.52 -50.16
C ASP B 224 36.26 13.57 -48.99
N VAL B 225 36.71 13.12 -47.82
CA VAL B 225 35.90 13.17 -46.61
C VAL B 225 35.43 14.60 -46.36
N GLN B 226 34.16 14.77 -46.01
CA GLN B 226 33.60 16.09 -45.74
C GLN B 226 33.57 16.34 -44.23
N VAL B 227 33.99 17.52 -43.83
CA VAL B 227 33.91 17.94 -42.43
C VAL B 227 32.76 18.93 -42.22
N LEU B 228 31.88 18.60 -41.28
CA LEU B 228 30.75 19.44 -40.96
C LEU B 228 31.09 20.46 -39.89
N ALA B 229 30.32 21.54 -39.82
CA ALA B 229 30.54 22.58 -38.85
C ALA B 229 30.37 22.07 -37.42
N GLY B 230 29.42 21.14 -37.23
CA GLY B 230 29.20 20.54 -35.92
C GLY B 230 28.35 21.37 -34.98
N LEU B 231 28.34 20.99 -33.70
CA LEU B 231 27.45 21.64 -32.75
C LEU B 231 27.84 21.42 -31.31
N HIS B 232 27.05 22.01 -30.43
CA HIS B 232 27.22 21.92 -28.98
C HIS B 232 26.71 20.58 -28.45
N ASP B 233 27.46 20.00 -27.52
CA ASP B 233 27.13 18.73 -26.85
C ASP B 233 25.65 18.49 -26.66
N SER B 234 25.05 19.35 -25.85
CA SER B 234 23.66 19.20 -25.43
C SER B 234 22.69 19.07 -26.59
N ASN B 235 22.99 19.71 -27.71
CA ASN B 235 22.07 19.69 -28.84
C ASN B 235 22.03 18.36 -29.55
N ALA B 236 23.08 17.55 -29.39
CA ALA B 236 23.11 16.21 -29.98
C ALA B 236 21.92 15.41 -29.49
N ALA B 237 21.65 15.52 -28.18
CA ALA B 237 20.51 14.84 -27.58
C ALA B 237 19.20 15.37 -28.14
N LEU B 238 19.18 16.64 -28.54
CA LEU B 238 17.99 17.22 -29.16
C LEU B 238 17.78 16.72 -30.58
N LEU B 239 18.85 16.71 -31.36
CA LEU B 239 18.80 16.17 -32.73
C LEU B 239 18.38 14.70 -32.69
N ALA B 240 18.96 13.96 -31.74
CA ALA B 240 18.63 12.56 -31.59
C ALA B 240 17.16 12.40 -31.27
N ALA B 241 16.68 13.27 -30.37
CA ALA B 241 15.30 13.18 -29.89
C ALA B 241 14.30 13.48 -31.00
N ARG B 242 14.55 14.53 -31.78
CA ARG B 242 13.66 14.89 -32.87
C ARG B 242 13.68 13.80 -33.94
N GLY B 243 14.57 12.84 -33.78
CA GLY B 243 14.63 11.70 -34.67
C GLY B 243 13.48 10.73 -34.42
N PHE B 244 13.00 10.69 -33.18
CA PHE B 244 11.87 9.82 -32.83
C PHE B 244 10.60 10.30 -33.51
N ALA B 245 9.89 9.37 -34.15
CA ALA B 245 8.64 9.69 -34.84
C ALA B 245 7.64 10.42 -33.94
N GLU B 246 7.64 10.09 -32.66
CA GLU B 246 6.72 10.71 -31.69
C GLU B 246 7.07 12.17 -31.40
N ILE B 247 8.37 12.47 -31.41
CA ILE B 247 8.84 13.81 -31.08
C ILE B 247 8.88 14.67 -32.35
N ALA B 248 9.84 14.36 -33.21
CA ALA B 248 9.95 14.98 -34.51
C ALA B 248 9.79 16.51 -34.47
N ASP B 249 8.63 16.96 -34.90
CA ASP B 249 8.36 18.36 -35.19
C ASP B 249 7.50 19.00 -34.10
N ASN B 250 6.90 18.15 -33.27
CA ASN B 250 5.90 18.58 -32.30
C ASN B 250 6.42 19.37 -31.12
N GLU B 251 5.51 20.06 -30.45
CA GLU B 251 5.77 20.64 -29.13
C GLU B 251 6.40 19.54 -28.31
N ALA B 252 7.66 19.69 -27.94
CA ALA B 252 8.31 18.66 -27.16
C ALA B 252 9.37 19.24 -26.24
N THR B 253 9.57 18.57 -25.12
CA THR B 253 10.62 18.95 -24.18
C THR B 253 11.44 17.71 -23.85
N VAL B 254 12.77 17.86 -23.91
CA VAL B 254 13.66 16.78 -23.50
C VAL B 254 14.17 17.08 -22.10
N LEU B 255 13.94 16.14 -21.19
CA LEU B 255 14.40 16.29 -19.82
C LEU B 255 15.64 15.43 -19.58
N SER B 256 16.81 16.05 -19.72
CA SER B 256 18.05 15.34 -19.42
C SER B 256 18.26 15.23 -17.90
N THR B 257 18.91 14.17 -17.49
CA THR B 257 18.88 13.77 -16.10
C THR B 257 20.25 13.31 -15.59
N GLY B 258 20.51 13.51 -14.30
CA GLY B 258 21.79 13.19 -13.71
C GLY B 258 22.10 14.22 -12.64
N THR B 259 23.38 14.53 -12.44
CA THR B 259 23.76 15.55 -11.48
C THR B 259 22.82 16.75 -11.64
N TRP B 260 22.69 17.21 -12.88
CA TRP B 260 21.70 18.23 -13.23
C TRP B 260 20.50 17.61 -13.91
N PHE B 261 19.31 18.10 -13.57
CA PHE B 261 18.11 17.83 -14.34
C PHE B 261 17.84 19.07 -15.18
N ILE B 262 17.94 18.92 -16.50
CA ILE B 262 17.77 20.06 -17.39
C ILE B 262 16.62 19.84 -18.35
N ALA B 263 15.67 20.76 -18.36
CA ALA B 263 14.55 20.69 -19.29
C ALA B 263 14.75 21.67 -20.45
N MSE B 264 14.86 21.12 -21.66
CA MSE B 264 14.96 21.94 -22.86
C MSE B 264 13.70 21.78 -23.71
O MSE B 264 13.35 20.68 -24.11
CB MSE B 264 16.20 21.54 -23.68
CG MSE B 264 17.45 21.37 -22.84
SE MSE B 264 19.07 20.99 -23.89
CE MSE B 264 20.08 19.98 -22.56
N ARG B 265 13.02 22.90 -23.98
CA ARG B 265 11.78 22.86 -24.74
C ARG B 265 11.99 23.22 -26.20
N LEU B 266 11.34 22.48 -27.07
CA LEU B 266 11.30 22.78 -28.50
C LEU B 266 9.92 23.34 -28.85
N PRO B 267 9.72 24.64 -28.58
CA PRO B 267 8.40 25.25 -28.71
C PRO B 267 7.85 25.10 -30.13
N ALA B 268 6.57 24.78 -30.26
CA ALA B 268 5.95 24.62 -31.56
C ALA B 268 5.51 25.97 -32.14
N THR B 269 5.76 27.04 -31.39
CA THR B 269 5.51 28.40 -31.86
C THR B 269 6.60 29.33 -31.36
N PRO B 270 6.67 30.55 -31.93
CA PRO B 270 7.43 31.62 -31.28
C PRO B 270 6.85 31.82 -29.88
N VAL B 271 7.71 31.89 -28.86
CA VAL B 271 7.23 32.04 -27.49
C VAL B 271 7.97 33.14 -26.74
N ASP B 272 7.31 33.67 -25.72
CA ASP B 272 7.85 34.76 -24.93
C ASP B 272 8.93 34.26 -23.98
N THR B 273 10.18 34.58 -24.29
CA THR B 273 11.29 34.20 -23.42
C THR B 273 11.73 35.38 -22.57
N ALA B 274 11.34 36.58 -22.96
CA ALA B 274 11.77 37.80 -22.27
C ALA B 274 11.27 37.93 -20.82
N THR B 275 10.24 37.17 -20.45
CA THR B 275 9.74 37.22 -19.08
C THR B 275 10.18 36.02 -18.24
N LEU B 276 11.13 35.24 -18.76
CA LEU B 276 11.61 34.08 -18.02
C LEU B 276 12.39 34.51 -16.79
N PRO B 277 12.15 33.88 -15.65
CA PRO B 277 12.78 34.30 -14.40
C PRO B 277 14.24 33.88 -14.36
N GLU B 278 15.14 34.85 -14.47
CA GLU B 278 16.57 34.56 -14.42
C GLU B 278 16.96 33.98 -13.07
N ALA B 279 16.15 34.25 -12.05
CA ALA B 279 16.49 33.89 -10.68
C ALA B 279 15.96 32.52 -10.26
N ARG B 280 15.30 31.83 -11.18
CA ARG B 280 14.81 30.48 -10.89
C ARG B 280 15.46 29.45 -11.81
N ASP B 281 16.68 29.76 -12.24
CA ASP B 281 17.49 28.84 -13.03
C ASP B 281 16.83 28.47 -14.35
N CYS B 282 16.26 29.47 -15.01
CA CYS B 282 15.82 29.33 -16.39
C CYS B 282 16.83 30.03 -17.28
N LEU B 283 16.89 29.60 -18.53
CA LEU B 283 17.79 30.22 -19.49
C LEU B 283 17.27 29.91 -20.88
N VAL B 284 17.84 30.53 -21.90
CA VAL B 284 17.42 30.29 -23.27
C VAL B 284 18.56 29.80 -24.15
N ASN B 285 18.41 28.59 -24.66
CA ASN B 285 19.36 28.02 -25.60
C ASN B 285 18.87 28.23 -27.02
N VAL B 286 19.61 27.70 -27.99
CA VAL B 286 19.23 27.79 -29.39
C VAL B 286 19.46 26.44 -30.06
N ASP B 287 18.58 26.05 -30.98
CA ASP B 287 18.77 24.78 -31.70
C ASP B 287 19.53 24.99 -33.02
N VAL B 288 19.80 23.90 -33.74
CA VAL B 288 20.61 24.02 -34.96
C VAL B 288 19.96 24.92 -36.01
N HIS B 289 18.65 25.08 -35.93
CA HIS B 289 17.92 25.96 -36.86
C HIS B 289 17.90 27.41 -36.40
N GLY B 290 18.46 27.67 -35.22
CA GLY B 290 18.53 29.03 -34.70
C GLY B 290 17.35 29.45 -33.86
N ARG B 291 16.40 28.54 -33.65
CA ARG B 291 15.22 28.84 -32.83
C ARG B 291 15.50 28.75 -31.33
N PRO B 292 14.86 29.62 -30.55
CA PRO B 292 15.06 29.61 -29.10
C PRO B 292 14.65 28.28 -28.48
N VAL B 293 15.46 27.80 -27.54
CA VAL B 293 15.14 26.62 -26.75
C VAL B 293 15.10 27.05 -25.29
N PRO B 294 13.90 27.35 -24.78
CA PRO B 294 13.75 27.69 -23.36
C PRO B 294 14.20 26.54 -22.48
N SER B 295 14.88 26.84 -21.37
CA SER B 295 15.39 25.79 -20.49
C SER B 295 15.30 26.12 -19.00
N ALA B 296 15.05 25.09 -18.19
CA ALA B 296 15.00 25.23 -16.74
C ALA B 296 15.88 24.16 -16.10
N ARG B 297 16.56 24.52 -15.02
CA ARG B 297 17.53 23.61 -14.42
C ARG B 297 17.40 23.47 -12.91
N PHE B 298 17.82 22.32 -12.41
CA PHE B 298 18.09 22.16 -10.98
C PHE B 298 18.92 20.90 -10.79
N MSE B 299 19.71 20.85 -9.72
CA MSE B 299 20.63 19.74 -9.48
C MSE B 299 19.92 18.53 -8.87
O MSE B 299 20.28 18.08 -7.78
CB MSE B 299 21.78 20.17 -8.58
CG MSE B 299 22.53 21.39 -9.06
SE MSE B 299 24.28 21.58 -8.22
CE MSE B 299 25.09 19.95 -8.91
N GLY B 300 18.94 18.00 -9.58
CA GLY B 300 18.18 16.86 -9.10
C GLY B 300 19.06 15.71 -8.64
N GLY B 301 20.07 15.40 -9.46
CA GLY B 301 20.99 14.33 -9.16
C GLY B 301 21.65 14.54 -7.82
N ARG B 302 22.32 15.67 -7.65
CA ARG B 302 23.04 15.96 -6.43
C ARG B 302 22.12 15.98 -5.21
N GLU B 303 20.92 16.55 -5.37
CA GLU B 303 19.96 16.60 -4.28
C GLU B 303 19.56 15.20 -3.83
N ILE B 304 19.28 14.33 -4.79
CA ILE B 304 18.89 12.96 -4.46
C ILE B 304 20.03 12.20 -3.78
N GLU B 305 21.24 12.33 -4.30
CA GLU B 305 22.40 11.70 -3.66
C GLU B 305 22.48 12.06 -2.18
N THR B 306 22.24 13.34 -1.87
CA THR B 306 22.26 13.80 -0.49
C THR B 306 21.17 13.11 0.33
N LEU B 307 20.02 12.87 -0.30
CA LEU B 307 18.89 12.27 0.38
C LEU B 307 19.07 10.78 0.66
N ILE B 308 19.73 10.08 -0.24
CA ILE B 308 19.80 8.62 -0.18
C ILE B 308 21.10 8.09 0.46
N GLU B 309 22.09 8.96 0.58
CA GLU B 309 23.29 8.68 1.37
C GLU B 309 24.23 7.59 0.81
N ILE B 310 23.69 6.47 0.35
CA ILE B 310 24.52 5.36 -0.10
C ILE B 310 24.27 4.96 -1.55
N ASP B 311 25.33 4.50 -2.23
CA ASP B 311 25.22 3.95 -3.57
C ASP B 311 24.17 2.84 -3.62
N THR B 312 24.09 2.07 -2.54
CA THR B 312 23.17 0.95 -2.46
C THR B 312 21.72 1.38 -2.64
N ARG B 313 21.46 2.65 -2.35
CA ARG B 313 20.08 3.15 -2.34
C ARG B 313 19.80 4.14 -3.48
N ARG B 314 20.73 4.25 -4.43
CA ARG B 314 20.45 5.00 -5.63
C ARG B 314 19.07 4.62 -6.12
N VAL B 315 18.24 5.61 -6.46
CA VAL B 315 16.84 5.35 -6.74
C VAL B 315 16.63 4.61 -8.05
N ASP B 316 17.69 4.41 -8.81
CA ASP B 316 17.59 3.72 -10.09
C ASP B 316 18.13 2.28 -10.05
N ILE B 317 18.36 1.77 -8.85
CA ILE B 317 18.66 0.35 -8.68
C ILE B 317 17.52 -0.46 -9.29
N LYS B 318 17.77 -1.05 -10.45
CA LYS B 318 16.74 -1.74 -11.23
C LYS B 318 15.94 -2.82 -10.47
N PRO B 319 16.62 -3.61 -9.62
CA PRO B 319 15.88 -4.64 -8.88
C PRO B 319 14.97 -4.06 -7.79
N ASP B 320 15.34 -2.91 -7.23
CA ASP B 320 14.60 -2.31 -6.13
C ASP B 320 13.35 -1.59 -6.60
N GLN B 321 13.22 -1.43 -7.92
CA GLN B 321 12.11 -0.65 -8.49
C GLN B 321 10.73 -1.11 -8.02
N PRO B 322 10.47 -2.43 -8.04
CA PRO B 322 9.17 -2.92 -7.56
C PRO B 322 8.89 -2.52 -6.10
N ALA B 323 9.88 -2.70 -5.22
CA ALA B 323 9.73 -2.30 -3.83
C ALA B 323 9.63 -0.79 -3.69
N LEU B 324 10.29 -0.07 -4.60
CA LEU B 324 10.22 1.38 -4.64
C LEU B 324 8.79 1.87 -4.93
N LEU B 325 8.17 1.31 -5.97
CA LEU B 325 6.77 1.63 -6.27
C LEU B 325 5.86 1.29 -5.08
N ALA B 326 6.17 0.17 -4.42
CA ALA B 326 5.30 -0.37 -3.37
C ALA B 326 5.32 0.45 -2.09
N ALA B 327 6.35 1.29 -1.94
CA ALA B 327 6.46 2.15 -0.76
C ALA B 327 5.65 3.43 -0.94
N VAL B 328 5.26 3.71 -2.18
CA VAL B 328 4.56 4.95 -2.51
C VAL B 328 3.23 5.15 -1.77
N PRO B 329 2.32 4.16 -1.83
CA PRO B 329 1.04 4.29 -1.13
C PRO B 329 1.21 4.84 0.27
N GLU B 330 2.19 4.31 1.00
CA GLU B 330 2.46 4.75 2.35
C GLU B 330 2.88 6.22 2.39
N VAL B 331 3.78 6.59 1.47
CA VAL B 331 4.27 7.95 1.37
C VAL B 331 3.16 8.98 1.16
N LEU B 332 2.16 8.61 0.36
CA LEU B 332 1.06 9.51 0.08
C LEU B 332 0.04 9.53 1.22
N ARG B 333 -0.24 8.36 1.78
CA ARG B 333 -1.22 8.24 2.86
C ARG B 333 -0.79 9.06 4.07
N HIS B 334 0.50 9.20 4.29
CA HIS B 334 1.03 9.90 5.46
C HIS B 334 1.63 11.24 5.13
N GLY B 335 1.40 11.73 3.92
CA GLY B 335 1.94 13.01 3.49
C GLY B 335 3.42 13.13 3.80
N ARG B 336 4.16 12.06 3.56
CA ARG B 336 5.61 12.08 3.75
C ARG B 336 6.25 12.83 2.59
N MSE B 337 6.87 13.97 2.85
CA MSE B 337 7.42 14.77 1.78
C MSE B 337 8.68 15.55 2.15
O MSE B 337 9.01 15.71 3.32
CB MSE B 337 6.36 15.73 1.21
CG MSE B 337 5.92 16.81 2.18
SE MSE B 337 4.51 17.94 1.43
CE MSE B 337 3.15 16.57 1.20
N ILE B 338 9.36 16.04 1.12
CA ILE B 338 10.58 16.84 1.25
C ILE B 338 10.37 18.24 0.68
N LEU B 339 10.85 19.25 1.39
CA LEU B 339 10.75 20.64 0.93
C LEU B 339 12.10 21.15 0.45
N PRO B 340 12.10 21.91 -0.66
CA PRO B 340 13.30 22.45 -1.33
C PRO B 340 13.96 23.55 -0.52
N THR B 341 15.25 23.80 -0.74
CA THR B 341 16.06 23.05 -1.68
C THR B 341 17.23 22.42 -0.93
N LEU B 342 17.81 21.38 -1.50
CA LEU B 342 18.97 20.75 -0.89
C LEU B 342 20.26 21.32 -1.47
N MSE B 343 20.14 22.14 -2.51
CA MSE B 343 21.26 22.86 -3.11
C MSE B 343 20.96 24.36 -3.24
O MSE B 343 20.59 24.83 -4.31
CB MSE B 343 21.59 22.31 -4.49
CG MSE B 343 22.25 20.94 -4.48
SE MSE B 343 24.01 20.99 -3.64
CE MSE B 343 24.83 22.38 -4.74
N ARG B 344 21.10 25.09 -2.14
CA ARG B 344 20.79 26.52 -2.13
C ARG B 344 21.44 27.23 -3.32
N GLY B 345 20.65 28.06 -4.00
CA GLY B 345 21.18 28.84 -5.11
C GLY B 345 20.96 28.22 -6.48
N PHE B 346 20.48 26.98 -6.51
CA PHE B 346 20.22 26.30 -7.77
C PHE B 346 18.78 25.78 -7.84
N GLY B 347 18.22 25.83 -9.04
CA GLY B 347 16.86 25.36 -9.25
C GLY B 347 15.84 26.47 -9.11
N PRO B 348 14.55 26.11 -9.21
CA PRO B 348 13.42 27.04 -9.14
C PRO B 348 13.18 27.56 -7.73
N TYR B 349 13.67 26.86 -6.72
CA TYR B 349 13.51 27.26 -5.33
C TYR B 349 14.88 27.46 -4.68
N PRO B 350 15.72 28.32 -5.27
CA PRO B 350 17.12 28.44 -4.86
C PRO B 350 17.29 28.81 -3.39
N HIS B 351 16.26 29.38 -2.77
CA HIS B 351 16.36 29.85 -1.39
C HIS B 351 15.60 28.97 -0.41
N GLY B 352 14.67 28.16 -0.91
CA GLY B 352 13.91 27.29 -0.04
C GLY B 352 14.80 26.59 0.98
N ARG B 353 14.33 26.54 2.22
CA ARG B 353 15.03 25.83 3.28
C ARG B 353 14.69 24.33 3.26
N PHE B 354 15.71 23.49 3.14
CA PHE B 354 15.47 22.04 3.13
C PHE B 354 14.82 21.58 4.44
N ALA B 355 13.73 20.84 4.31
CA ALA B 355 13.01 20.34 5.47
C ALA B 355 12.24 19.08 5.14
N TRP B 356 12.07 18.23 6.15
CA TRP B 356 11.30 17.00 6.01
C TRP B 356 9.93 17.16 6.65
N ILE B 357 8.90 16.63 6.00
CA ILE B 357 7.58 16.56 6.61
C ILE B 357 7.19 15.09 6.73
N ASN B 358 6.98 14.64 7.97
CA ASN B 358 6.64 13.25 8.26
C ASN B 358 7.63 12.28 7.66
N ARG B 359 8.91 12.46 7.96
CA ARG B 359 9.95 11.59 7.42
C ARG B 359 9.78 10.15 7.92
N PRO B 360 9.77 9.19 6.99
CA PRO B 360 9.66 7.76 7.30
C PRO B 360 10.97 7.15 7.77
N GLU B 361 10.87 6.03 8.48
CA GLU B 361 12.04 5.30 8.94
C GLU B 361 12.40 4.24 7.89
N ASP B 362 11.37 3.70 7.26
CA ASP B 362 11.55 2.82 6.11
C ASP B 362 12.33 3.58 5.03
N TRP B 363 13.38 2.93 4.52
CA TRP B 363 14.25 3.56 3.53
C TRP B 363 13.72 3.48 2.10
N PHE B 364 12.87 2.50 1.83
CA PHE B 364 12.19 2.43 0.54
C PHE B 364 11.19 3.59 0.44
N GLU B 365 10.66 4.00 1.59
CA GLU B 365 9.73 5.10 1.64
C GLU B 365 10.47 6.43 1.45
N ARG B 366 11.66 6.52 2.04
CA ARG B 366 12.46 7.74 1.88
C ARG B 366 12.93 7.88 0.44
N ARG B 367 13.34 6.77 -0.16
CA ARG B 367 13.80 6.78 -1.54
C ARG B 367 12.68 7.18 -2.50
N ALA B 368 11.52 6.56 -2.35
CA ALA B 368 10.36 6.90 -3.16
C ALA B 368 10.02 8.37 -3.01
N ALA B 369 10.02 8.85 -1.77
CA ALA B 369 9.72 10.25 -1.49
C ALA B 369 10.71 11.18 -2.19
N ALA B 370 11.96 10.74 -2.28
CA ALA B 370 12.99 11.53 -2.96
C ALA B 370 12.72 11.60 -4.46
N CYS B 371 12.12 10.55 -5.00
CA CYS B 371 11.74 10.55 -6.42
C CYS B 371 10.52 11.44 -6.66
N LEU B 372 9.60 11.46 -5.70
CA LEU B 372 8.42 12.31 -5.79
C LEU B 372 8.83 13.78 -5.71
N TYR B 373 9.82 14.05 -4.86
CA TYR B 373 10.32 15.40 -4.68
C TYR B 373 10.95 15.95 -5.96
N ALA B 374 11.81 15.15 -6.58
CA ALA B 374 12.45 15.54 -7.84
C ALA B 374 11.42 15.70 -8.94
N ALA B 375 10.32 14.94 -8.84
CA ALA B 375 9.21 15.07 -9.77
C ALA B 375 8.54 16.43 -9.57
N LEU B 376 8.28 16.77 -8.31
CA LEU B 376 7.61 18.02 -7.98
C LEU B 376 8.41 19.25 -8.43
N VAL B 377 9.71 19.24 -8.15
CA VAL B 377 10.57 20.32 -8.60
C VAL B 377 10.67 20.32 -10.12
N ALA B 378 10.77 19.13 -10.71
CA ALA B 378 10.81 19.01 -12.16
C ALA B 378 9.55 19.60 -12.74
N ASP B 379 8.41 19.22 -12.15
CA ASP B 379 7.12 19.76 -12.54
C ASP B 379 7.17 21.29 -12.62
N THR B 380 7.76 21.91 -11.60
CA THR B 380 7.83 23.37 -11.53
C THR B 380 8.70 23.98 -12.62
N ALA B 381 9.84 23.35 -12.87
CA ALA B 381 10.76 23.82 -13.90
C ALA B 381 10.08 23.81 -15.27
N LEU B 382 9.34 22.73 -15.53
CA LEU B 382 8.64 22.57 -16.81
C LEU B 382 7.54 23.62 -16.97
N ASP B 383 6.86 23.97 -15.88
CA ASP B 383 5.86 25.02 -15.91
C ASP B 383 6.48 26.37 -16.24
N LEU B 384 7.61 26.67 -15.62
CA LEU B 384 8.28 27.95 -15.83
C LEU B 384 8.53 28.24 -17.31
N ILE B 385 8.78 27.18 -18.09
CA ILE B 385 9.13 27.34 -19.49
C ILE B 385 8.01 26.92 -20.43
N GLY B 386 6.86 26.57 -19.87
CA GLY B 386 5.68 26.27 -20.65
C GLY B 386 5.72 24.97 -21.42
N SER B 387 6.45 23.99 -20.90
CA SER B 387 6.52 22.68 -21.53
C SER B 387 5.15 22.00 -21.57
N THR B 388 4.78 21.47 -22.73
CA THR B 388 3.51 20.78 -22.89
C THR B 388 3.64 19.65 -23.92
N GLY B 389 2.63 18.80 -24.00
CA GLY B 389 2.54 17.82 -25.07
C GLY B 389 3.35 16.56 -24.87
N ARG B 390 4.63 16.61 -25.22
CA ARG B 390 5.52 15.46 -25.04
C ARG B 390 6.69 15.82 -24.14
N ILE B 391 7.13 14.84 -23.37
CA ILE B 391 8.32 14.99 -22.53
C ILE B 391 9.16 13.72 -22.60
N LEU B 392 10.36 13.84 -23.15
CA LEU B 392 11.29 12.72 -23.20
C LEU B 392 12.25 12.81 -22.02
N VAL B 393 12.33 11.72 -21.26
CA VAL B 393 13.18 11.68 -20.08
C VAL B 393 14.41 10.84 -20.37
N GLU B 394 15.57 11.48 -20.28
CA GLU B 394 16.84 10.82 -20.58
C GLU B 394 17.71 10.72 -19.34
N GLY B 395 18.85 10.04 -19.47
CA GLY B 395 19.78 9.91 -18.37
C GLY B 395 19.39 8.79 -17.42
N ARG B 396 20.10 8.65 -16.34
CA ARG B 396 19.90 7.54 -15.43
C ARG B 396 18.63 7.55 -14.60
N PHE B 397 18.07 8.72 -14.35
CA PHE B 397 16.82 8.85 -13.64
C PHE B 397 15.60 8.49 -14.47
N ALA B 398 15.86 8.10 -15.66
CA ALA B 398 14.79 7.53 -16.48
C ALA B 398 14.48 6.09 -16.06
N GLU B 399 15.38 5.53 -15.35
CA GLU B 399 15.17 4.22 -14.84
C GLU B 399 14.69 4.26 -13.43
N ALA B 400 14.46 5.45 -12.94
CA ALA B 400 13.81 5.60 -11.64
C ALA B 400 12.30 5.62 -11.82
N ASP B 401 11.70 4.43 -11.89
CA ASP B 401 10.27 4.30 -12.12
C ASP B 401 9.47 5.36 -11.37
N VAL B 402 9.59 5.35 -10.04
CA VAL B 402 8.84 6.27 -9.19
C VAL B 402 8.88 7.70 -9.72
N PHE B 403 10.07 8.15 -10.11
CA PHE B 403 10.24 9.50 -10.64
C PHE B 403 9.43 9.74 -11.92
N VAL B 404 9.60 8.87 -12.92
CA VAL B 404 8.94 9.07 -14.21
C VAL B 404 7.42 8.86 -14.21
N ARG B 405 6.95 7.86 -13.47
CA ARG B 405 5.50 7.64 -13.37
C ARG B 405 4.87 8.74 -12.53
N ALA B 406 5.62 9.23 -11.55
CA ALA B 406 5.17 10.38 -10.77
C ALA B 406 5.02 11.59 -11.68
N LEU B 407 6.00 11.77 -12.56
CA LEU B 407 5.98 12.89 -13.50
C LEU B 407 4.78 12.77 -14.44
N ALA B 408 4.48 11.55 -14.87
CA ALA B 408 3.33 11.28 -15.74
C ALA B 408 2.02 11.62 -15.02
N SER B 409 1.96 11.32 -13.72
CA SER B 409 0.78 11.63 -12.92
C SER B 409 0.61 13.13 -12.77
N LEU B 410 1.72 13.83 -12.54
CA LEU B 410 1.70 15.28 -12.38
C LEU B 410 1.33 15.97 -13.69
N ARG B 411 1.46 15.24 -14.80
CA ARG B 411 1.10 15.79 -16.11
C ARG B 411 0.30 14.79 -16.92
N PRO B 412 -1.00 14.65 -16.61
CA PRO B 412 -1.85 13.74 -17.37
C PRO B 412 -1.99 14.30 -18.78
N ASP B 413 -1.66 15.57 -18.92
CA ASP B 413 -1.73 16.28 -20.18
C ASP B 413 -0.62 15.86 -21.14
N CYS B 414 0.62 15.88 -20.65
CA CYS B 414 1.77 15.51 -21.45
C CYS B 414 1.86 14.00 -21.62
N ALA B 415 2.43 13.56 -22.74
CA ALA B 415 2.78 12.17 -22.92
C ALA B 415 4.24 11.99 -22.52
N VAL B 416 4.48 11.37 -21.38
CA VAL B 416 5.83 11.17 -20.88
C VAL B 416 6.44 9.92 -21.47
N TYR B 417 7.58 10.06 -22.16
CA TYR B 417 8.21 8.93 -22.82
C TYR B 417 9.57 8.59 -22.23
N THR B 418 9.95 7.32 -22.36
CA THR B 418 11.32 6.91 -22.12
C THR B 418 11.84 6.20 -23.37
N ALA B 419 13.14 6.11 -23.52
CA ALA B 419 13.74 5.45 -24.68
C ALA B 419 14.26 4.06 -24.31
N ASN B 420 14.86 3.38 -25.29
CA ASN B 420 15.46 2.07 -25.05
C ASN B 420 16.44 1.61 -26.12
N ALA B 421 17.68 2.11 -26.14
CA ALA B 421 18.20 3.15 -25.24
C ALA B 421 19.68 3.36 -25.57
N HIS B 422 20.18 4.57 -25.32
CA HIS B 422 21.58 4.91 -25.59
C HIS B 422 21.88 5.00 -27.08
N SER B 426 25.25 10.60 -28.90
CA SER B 426 26.01 11.08 -30.04
C SER B 426 25.36 10.75 -31.38
N PHE B 427 24.39 9.84 -31.36
CA PHE B 427 23.70 9.50 -32.61
C PHE B 427 23.15 10.74 -33.30
N GLY B 428 22.83 11.76 -32.51
CA GLY B 428 22.16 12.94 -33.02
C GLY B 428 22.87 13.60 -34.18
N ALA B 429 24.19 13.66 -34.11
CA ALA B 429 24.99 14.30 -35.16
C ALA B 429 24.69 13.72 -36.55
N LEU B 430 24.46 12.41 -36.60
CA LEU B 430 24.15 11.73 -37.86
C LEU B 430 22.95 12.35 -38.58
N ARG B 431 22.04 12.94 -37.81
CA ARG B 431 20.83 13.48 -38.40
C ARG B 431 21.07 14.82 -39.07
N LEU B 432 22.28 15.36 -38.87
CA LEU B 432 22.73 16.51 -39.64
C LEU B 432 23.00 16.08 -41.08
N ILE B 433 23.41 14.83 -41.23
CA ILE B 433 23.70 14.26 -42.54
C ILE B 433 22.44 13.74 -43.22
N ASP B 434 21.65 12.99 -42.45
CA ASP B 434 20.44 12.36 -42.98
C ASP B 434 19.28 12.50 -41.98
N PRO B 435 18.50 13.57 -42.12
CA PRO B 435 17.39 13.85 -41.19
C PRO B 435 16.42 12.68 -41.11
N GLY B 436 16.42 11.83 -42.12
CA GLY B 436 15.52 10.68 -42.16
C GLY B 436 15.88 9.60 -41.15
N LEU B 437 17.10 9.66 -40.61
CA LEU B 437 17.54 8.68 -39.62
C LEU B 437 16.75 8.75 -38.32
N ARG B 438 16.51 7.59 -37.72
CA ARG B 438 15.82 7.50 -36.44
C ARG B 438 16.68 6.78 -35.41
N PRO B 439 16.49 7.12 -34.12
CA PRO B 439 17.17 6.41 -33.03
C PRO B 439 16.86 4.92 -33.08
N GLN B 440 17.65 4.11 -32.39
CA GLN B 440 17.61 2.68 -32.57
C GLN B 440 16.29 2.04 -32.13
N GLY B 441 15.79 2.43 -30.96
CA GLY B 441 14.64 1.75 -30.39
C GLY B 441 13.31 2.46 -30.56
N GLU B 442 12.40 2.25 -29.62
CA GLU B 442 11.10 2.90 -29.63
C GLU B 442 10.90 3.66 -28.31
N LEU B 443 9.91 4.51 -28.29
CA LEU B 443 9.56 5.27 -27.14
C LEU B 443 8.49 4.60 -26.38
N VAL B 444 8.62 4.64 -25.08
CA VAL B 444 7.74 3.94 -24.23
C VAL B 444 6.97 4.95 -23.46
N ARG B 445 5.67 4.94 -23.66
CA ARG B 445 4.81 5.85 -23.02
C ARG B 445 4.72 5.53 -21.56
N ILE B 446 5.00 6.51 -20.75
CA ILE B 446 5.06 6.29 -19.32
C ILE B 446 3.68 6.37 -18.67
N GLU B 447 3.37 5.32 -17.91
CA GLU B 447 2.10 5.17 -17.23
C GLU B 447 2.11 5.97 -15.93
N PRO B 448 1.00 6.67 -15.64
CA PRO B 448 0.91 7.40 -14.38
C PRO B 448 1.12 6.47 -13.19
N LEU B 449 1.60 7.05 -12.10
CA LEU B 449 1.86 6.32 -10.86
C LEU B 449 0.61 5.61 -10.37
N ASP B 450 0.75 4.35 -9.94
CA ASP B 450 -0.33 3.66 -9.28
C ASP B 450 -0.30 3.98 -7.78
N THR B 451 -1.28 4.75 -7.34
CA THR B 451 -1.25 5.34 -6.01
C THR B 451 -1.65 4.37 -4.90
N GLY B 452 -2.27 3.27 -5.28
CA GLY B 452 -2.80 2.33 -4.31
C GLY B 452 -3.87 3.00 -3.44
N TRP B 454 -6.67 5.81 -2.14
CA TRP B 454 -7.50 6.99 -2.30
C TRP B 454 -6.66 8.27 -2.35
N ALA B 455 -5.42 8.18 -1.89
CA ALA B 455 -4.50 9.30 -1.95
C ALA B 455 -4.04 9.51 -3.39
N ASP B 456 -4.04 10.76 -3.84
CA ASP B 456 -3.55 11.06 -5.18
C ASP B 456 -2.48 12.14 -5.17
N LEU B 457 -1.58 12.09 -6.16
CA LEU B 457 -0.49 13.04 -6.24
C LEU B 457 -0.94 14.48 -6.30
N ASP B 458 -2.09 14.72 -6.93
CA ASP B 458 -2.59 16.09 -7.11
C ASP B 458 -2.80 16.76 -5.75
N THR B 459 -3.28 15.98 -4.79
CA THR B 459 -3.45 16.47 -3.42
C THR B 459 -2.07 16.67 -2.79
N TYR B 460 -1.25 15.63 -2.88
CA TYR B 460 0.13 15.65 -2.44
C TYR B 460 0.88 16.88 -2.97
N ARG B 461 0.72 17.17 -4.26
CA ARG B 461 1.34 18.33 -4.86
C ARG B 461 0.76 19.63 -4.29
N ASN B 462 -0.56 19.70 -4.22
CA ASN B 462 -1.23 20.85 -3.63
C ASN B 462 -0.63 21.16 -2.26
N ARG B 463 -0.51 20.13 -1.44
CA ARG B 463 0.03 20.27 -0.09
C ARG B 463 1.52 20.68 -0.13
N TRP B 464 2.29 20.00 -0.98
CA TRP B 464 3.70 20.35 -1.16
C TRP B 464 3.83 21.80 -1.60
N GLN B 465 3.05 22.19 -2.60
CA GLN B 465 3.03 23.56 -3.10
C GLN B 465 2.70 24.57 -2.00
N ALA B 466 1.73 24.22 -1.17
CA ALA B 466 1.30 25.12 -0.10
C ALA B 466 2.38 25.24 0.97
N GLU B 467 3.03 24.13 1.28
CA GLU B 467 4.11 24.11 2.27
C GLU B 467 5.30 24.92 1.80
N VAL B 468 5.59 24.86 0.51
CA VAL B 468 6.68 25.61 -0.07
C VAL B 468 6.40 27.10 -0.02
N GLU B 469 5.21 27.49 -0.48
CA GLU B 469 4.81 28.90 -0.44
C GLU B 469 4.70 29.39 0.99
N ALA B 470 4.11 28.57 1.86
CA ALA B 470 3.96 28.92 3.26
C ALA B 470 5.32 29.20 3.90
N ALA B 471 6.31 28.41 3.58
CA ALA B 471 7.66 28.62 4.03
C ALA B 471 8.36 29.85 3.56
N LYS B 472 8.13 30.29 2.33
CA LYS B 472 8.79 31.51 1.88
C LYS B 472 8.19 32.72 2.57
N VAL B 473 8.63 32.84 3.80
CA VAL B 473 8.07 33.70 4.83
C VAL B 473 8.89 33.61 6.12
#